data_5E2L
#
_entry.id   5E2L
#
_cell.length_a   203.989
_cell.length_b   203.989
_cell.length_c   66.904
_cell.angle_alpha   90.000
_cell.angle_beta   90.000
_cell.angle_gamma   120.000
#
_symmetry.space_group_name_H-M   'P 32 2 1'
#
loop_
_entity.id
_entity.type
_entity.pdbx_description
1 polymer '3-deoxy-D-arabinoheptulosonate-7-phosphate synthase'
2 non-polymer 'SULFATE ION'
3 non-polymer 'MANGANESE (II) ION'
4 non-polymer 'CHLORIDE ION'
5 non-polymer GLYCEROL
6 non-polymer D-PHENYLALANINE
7 water water
#
_entity_poly.entity_id   1
_entity_poly.type   'polypeptide(L)'
_entity_poly.pdbx_seq_one_letter_code
;GAMNWTVDIPIDQLPSLPPLPTDLRTRLDAALAKPAAQQPTWPADQALAMRTVLESVPPVTVPSEIVRLQEQLAQVAKGE
AFLLQGGDCAETFMDNTEPHIRGNVRALLQMAVVLTYGASMPVVKVARIAGQYAKPRSADIDALGLRSYRGDMINGFAPD
AAAREHDPSRLVRAYANASAAMNLVRALTSSGLASLHLVHDWNREFVRTSPAGARYEALATEIDRGLRFMSACGVADRNL
QTAEIYASHEALVLDYERAMLRLSDGDDGEPQLFDLSAHTVWIGERTRQIDGAHIAFAQVIANPVGVKLGPNMTPELAVE
YVERLDPHNKPGRLTLVSRMGNHKVRDLLPPIVEKVQATGHQVIWQCDPMHGNTHESSTGFKTRHFDRIVDEVQGFFEVH
RALGTHPGGIHVEITGENVTECLGGAQDISETDLAGRYETACDPRLNTQQSLELAFLVAEMLRD
;
_entity_poly.pdbx_strand_id   A,B
#
loop_
_chem_comp.id
_chem_comp.type
_chem_comp.name
_chem_comp.formula
CL non-polymer 'CHLORIDE ION' 'Cl -1'
GOL non-polymer GLYCEROL 'C3 H8 O3'
MN non-polymer 'MANGANESE (II) ION' 'Mn 2'
SO4 non-polymer 'SULFATE ION' 'O4 S -2'
#
# COMPACT_ATOMS: atom_id res chain seq x y z
N MET A 3 31.79 7.07 -0.57
CA MET A 3 32.07 8.54 -0.60
C MET A 3 31.13 9.37 -1.49
N ASN A 4 30.33 8.68 -2.32
CA ASN A 4 29.23 9.31 -3.05
C ASN A 4 27.98 9.53 -2.19
N TRP A 5 28.03 9.13 -0.92
CA TRP A 5 26.90 9.27 0.01
C TRP A 5 25.64 8.49 -0.46
N THR A 6 25.88 7.30 -0.99
CA THR A 6 24.84 6.55 -1.68
C THR A 6 24.99 5.04 -1.43
N VAL A 7 23.87 4.33 -1.37
CA VAL A 7 23.89 2.87 -1.23
C VAL A 7 23.32 2.22 -2.49
N ASP A 8 23.91 1.10 -2.88
CA ASP A 8 23.52 0.40 -4.09
C ASP A 8 22.69 -0.83 -3.76
N ILE A 9 21.53 -0.94 -4.41
CA ILE A 9 20.58 -2.03 -4.17
C ILE A 9 20.61 -2.97 -5.35
N PRO A 10 21.09 -4.20 -5.15
CA PRO A 10 21.15 -5.14 -6.28
C PRO A 10 19.78 -5.58 -6.75
N ILE A 11 19.64 -5.78 -8.05
CA ILE A 11 18.43 -6.40 -8.61
C ILE A 11 18.85 -7.65 -9.39
N ASP A 12 18.19 -8.76 -9.09
CA ASP A 12 18.40 -9.99 -9.84
C ASP A 12 17.41 -10.04 -10.99
N GLN A 13 17.85 -10.56 -12.13
CA GLN A 13 16.99 -10.72 -13.30
C GLN A 13 16.07 -11.93 -13.11
N LEU A 14 15.04 -11.73 -12.30
CA LEU A 14 14.23 -12.81 -11.78
C LEU A 14 13.19 -13.23 -12.81
N PRO A 15 12.72 -14.49 -12.75
CA PRO A 15 11.82 -15.01 -13.78
C PRO A 15 10.60 -14.12 -14.03
N SER A 16 10.42 -13.73 -15.29
CA SER A 16 9.28 -12.93 -15.69
C SER A 16 7.98 -13.74 -15.69
N LEU A 17 6.85 -13.07 -15.43
CA LEU A 17 5.52 -13.71 -15.47
C LEU A 17 5.11 -13.97 -16.93
N PRO A 18 4.12 -14.82 -17.19
CA PRO A 18 3.88 -15.18 -18.59
C PRO A 18 3.64 -13.90 -19.39
N PRO A 19 4.28 -13.78 -20.57
CA PRO A 19 4.27 -12.52 -21.29
C PRO A 19 2.86 -12.03 -21.59
N LEU A 20 2.71 -10.77 -22.00
CA LEU A 20 1.42 -10.28 -22.47
C LEU A 20 1.06 -11.09 -23.72
N PRO A 21 -0.25 -11.23 -24.02
CA PRO A 21 -0.66 -11.99 -25.23
C PRO A 21 -0.13 -11.37 -26.51
N THR A 22 0.17 -12.18 -27.51
CA THR A 22 0.80 -11.70 -28.75
C THR A 22 -0.02 -10.66 -29.50
N ASP A 23 -1.35 -10.78 -29.50
CA ASP A 23 -2.19 -9.82 -30.24
C ASP A 23 -2.09 -8.42 -29.67
N LEU A 24 -2.15 -8.29 -28.34
CA LEU A 24 -2.04 -6.98 -27.70
C LEU A 24 -0.62 -6.41 -27.84
N ARG A 25 0.38 -7.29 -27.81
CA ARG A 25 1.78 -6.86 -27.95
C ARG A 25 2.02 -6.24 -29.33
N THR A 26 1.42 -6.85 -30.35
CA THR A 26 1.47 -6.34 -31.73
C THR A 26 0.81 -4.98 -31.85
N ARG A 27 -0.38 -4.82 -31.25
CA ARG A 27 -1.03 -3.52 -31.20
C ARG A 27 -0.12 -2.51 -30.50
N LEU A 28 0.41 -2.92 -29.35
CA LEU A 28 1.26 -2.05 -28.53
C LEU A 28 2.54 -1.67 -29.23
N ASP A 29 3.19 -2.63 -29.88
CA ASP A 29 4.38 -2.35 -30.69
C ASP A 29 4.10 -1.39 -31.86
N ALA A 30 2.94 -1.54 -32.50
CA ALA A 30 2.54 -0.61 -33.55
C ALA A 30 2.40 0.80 -32.99
N ALA A 31 1.79 0.93 -31.81
CA ALA A 31 1.59 2.23 -31.21
C ALA A 31 2.93 2.90 -30.82
N LEU A 32 3.87 2.14 -30.28
CA LEU A 32 5.13 2.72 -29.81
C LEU A 32 6.20 2.85 -30.89
N ALA A 33 5.89 2.43 -32.11
CA ALA A 33 6.75 2.70 -33.27
C ALA A 33 6.70 4.17 -33.64
N LYS A 34 5.63 4.86 -33.23
CA LYS A 34 5.47 6.29 -33.48
C LYS A 34 6.50 7.11 -32.71
N PRO A 35 6.86 8.30 -33.24
CA PRO A 35 7.85 9.11 -32.55
C PRO A 35 7.38 9.58 -31.18
N ALA A 36 8.29 9.68 -30.23
CA ALA A 36 7.94 10.03 -28.87
C ALA A 36 8.79 11.19 -28.42
N ALA A 37 8.17 12.35 -28.26
CA ALA A 37 8.86 13.51 -27.71
C ALA A 37 9.28 13.31 -26.24
N GLN A 38 10.32 14.02 -25.82
CA GLN A 38 10.70 14.20 -24.40
C GLN A 38 11.21 12.95 -23.65
N GLN A 39 11.62 11.92 -24.38
CA GLN A 39 12.07 10.68 -23.76
C GLN A 39 13.53 10.76 -23.31
N PRO A 40 13.90 9.96 -22.29
CA PRO A 40 15.29 9.91 -21.85
C PRO A 40 16.21 9.28 -22.89
N THR A 41 17.50 9.56 -22.77
CA THR A 41 18.49 9.25 -23.79
C THR A 41 19.37 8.07 -23.37
N TRP A 42 18.93 7.33 -22.35
CA TRP A 42 19.70 6.20 -21.83
C TRP A 42 19.76 5.03 -22.82
N PRO A 43 20.78 4.16 -22.70
CA PRO A 43 20.90 3.08 -23.69
C PRO A 43 19.75 2.07 -23.62
N ALA A 44 19.43 1.47 -24.76
CA ALA A 44 18.22 0.66 -24.93
C ALA A 44 18.29 -0.72 -24.29
N ASP A 45 19.47 -1.33 -24.32
CA ASP A 45 19.67 -2.63 -23.67
C ASP A 45 19.43 -2.50 -22.17
N GLN A 46 19.84 -1.36 -21.63
CA GLN A 46 19.76 -1.10 -20.19
C GLN A 46 18.31 -0.81 -19.79
N ALA A 47 17.62 -0.02 -20.59
CA ALA A 47 16.18 0.22 -20.40
C ALA A 47 15.37 -1.07 -20.43
N LEU A 48 15.76 -1.97 -21.33
CA LEU A 48 15.10 -3.27 -21.47
C LEU A 48 15.24 -4.07 -20.18
N ALA A 49 16.45 -4.09 -19.63
CA ALA A 49 16.72 -4.80 -18.38
C ALA A 49 15.86 -4.30 -17.23
N MET A 50 15.66 -2.98 -17.12
CA MET A 50 14.83 -2.41 -16.05
C MET A 50 13.36 -2.66 -16.30
N ARG A 51 12.93 -2.57 -17.55
CA ARG A 51 11.56 -2.90 -17.93
C ARG A 51 11.22 -4.34 -17.58
N THR A 52 12.19 -5.25 -17.75
CA THR A 52 11.97 -6.66 -17.47
C THR A 52 11.76 -6.88 -15.97
N VAL A 53 12.40 -6.07 -15.15
CA VAL A 53 12.20 -6.10 -13.71
C VAL A 53 10.79 -5.61 -13.40
N LEU A 54 10.42 -4.47 -13.95
CA LEU A 54 9.11 -3.87 -13.69
C LEU A 54 7.93 -4.73 -14.15
N GLU A 55 8.05 -5.43 -15.28
CA GLU A 55 7.04 -6.41 -15.70
C GLU A 55 6.69 -7.44 -14.62
N SER A 56 7.62 -7.71 -13.70
CA SER A 56 7.43 -8.75 -12.68
C SER A 56 6.96 -8.26 -11.28
N VAL A 57 6.97 -6.96 -11.04
CA VAL A 57 6.66 -6.43 -9.70
C VAL A 57 5.17 -6.38 -9.42
N PRO A 58 4.78 -6.33 -8.12
CA PRO A 58 3.38 -6.14 -7.78
C PRO A 58 2.89 -4.78 -8.23
N PRO A 59 1.67 -4.71 -8.79
CA PRO A 59 1.19 -3.46 -9.33
C PRO A 59 0.90 -2.40 -8.27
N VAL A 60 0.94 -1.13 -8.68
CA VAL A 60 0.59 -0.02 -7.80
C VAL A 60 -0.93 0.03 -7.57
N THR A 61 -1.69 -0.16 -8.64
CA THR A 61 -3.15 -0.23 -8.58
C THR A 61 -3.64 -1.56 -9.17
N VAL A 62 -4.93 -1.84 -9.04
CA VAL A 62 -5.54 -3.04 -9.62
C VAL A 62 -6.73 -2.63 -10.48
N PRO A 63 -7.06 -3.45 -11.50
CA PRO A 63 -8.09 -3.11 -12.47
C PRO A 63 -9.45 -2.70 -11.89
N SER A 64 -9.93 -3.46 -10.91
CA SER A 64 -11.24 -3.21 -10.32
C SER A 64 -11.37 -1.81 -9.73
N GLU A 65 -10.26 -1.24 -9.24
CA GLU A 65 -10.25 0.15 -8.77
C GLU A 65 -10.40 1.14 -9.93
N ILE A 66 -9.88 0.78 -11.10
CA ILE A 66 -9.89 1.65 -12.27
C ILE A 66 -11.27 1.69 -12.92
N VAL A 67 -11.93 0.53 -12.99
CA VAL A 67 -13.32 0.46 -13.45
C VAL A 67 -14.26 1.19 -12.49
N ARG A 68 -13.97 1.11 -11.20
CA ARG A 68 -14.68 1.93 -10.22
C ARG A 68 -14.52 3.44 -10.48
N LEU A 69 -13.28 3.89 -10.71
CA LEU A 69 -13.02 5.30 -11.01
C LEU A 69 -13.75 5.73 -12.28
N GLN A 70 -13.69 4.91 -13.31
CA GLN A 70 -14.39 5.16 -14.57
C GLN A 70 -15.90 5.49 -14.35
N GLU A 71 -16.54 4.74 -13.46
CA GLU A 71 -17.96 4.93 -13.16
C GLU A 71 -18.19 6.24 -12.40
N GLN A 72 -17.27 6.59 -11.51
CA GLN A 72 -17.37 7.83 -10.75
C GLN A 72 -17.13 9.04 -11.65
N LEU A 73 -16.12 8.96 -12.52
CA LEU A 73 -15.87 10.00 -13.52
C LEU A 73 -17.03 10.11 -14.54
N ALA A 74 -17.74 9.01 -14.81
CA ALA A 74 -18.90 9.07 -15.70
C ALA A 74 -19.94 10.04 -15.16
N GLN A 75 -20.17 9.96 -13.85
CA GLN A 75 -21.05 10.90 -13.15
C GLN A 75 -20.58 12.34 -13.27
N VAL A 76 -19.26 12.56 -13.19
CA VAL A 76 -18.72 13.91 -13.34
C VAL A 76 -19.08 14.45 -14.73
N ALA A 77 -18.81 13.66 -15.76
CA ALA A 77 -19.11 14.06 -17.13
C ALA A 77 -20.60 14.39 -17.35
N LYS A 78 -21.50 13.70 -16.64
CA LYS A 78 -22.95 13.92 -16.76
C LYS A 78 -23.50 15.04 -15.88
N GLY A 79 -22.61 15.72 -15.14
CA GLY A 79 -22.98 16.90 -14.38
C GLY A 79 -23.47 16.64 -12.97
N GLU A 80 -23.21 15.46 -12.44
CA GLU A 80 -23.71 15.09 -11.13
C GLU A 80 -22.60 14.83 -10.13
N ALA A 81 -21.38 15.23 -10.49
CA ALA A 81 -20.21 15.07 -9.63
C ALA A 81 -19.17 16.08 -10.04
N PHE A 82 -18.11 16.22 -9.23
CA PHE A 82 -17.05 17.22 -9.45
C PHE A 82 -15.69 16.56 -9.21
N LEU A 83 -14.70 16.88 -10.05
CA LEU A 83 -13.36 16.29 -9.96
C LEU A 83 -12.35 17.23 -9.32
N LEU A 84 -11.68 16.75 -8.27
CA LEU A 84 -10.59 17.47 -7.63
C LEU A 84 -9.31 16.70 -7.86
N GLN A 85 -8.36 17.33 -8.54
CA GLN A 85 -7.08 16.70 -8.84
C GLN A 85 -5.96 17.61 -8.38
N GLY A 86 -5.06 17.09 -7.55
CA GLY A 86 -4.05 17.94 -6.95
C GLY A 86 -2.90 17.26 -6.24
N GLY A 87 -1.76 17.94 -6.23
CA GLY A 87 -0.59 17.48 -5.50
C GLY A 87 0.65 18.23 -5.94
N ASP A 88 1.81 17.61 -5.76
CA ASP A 88 3.07 18.23 -6.13
C ASP A 88 3.14 18.43 -7.64
N CYS A 89 3.89 19.44 -8.05
CA CYS A 89 4.24 19.58 -9.44
C CYS A 89 5.14 18.40 -9.83
N ALA A 90 6.16 18.17 -9.01
CA ALA A 90 7.14 17.11 -9.19
C ALA A 90 7.41 16.44 -7.85
N GLU A 91 7.17 15.13 -7.76
CA GLU A 91 7.53 14.42 -6.52
C GLU A 91 9.02 14.12 -6.56
N THR A 92 9.69 14.25 -5.43
CA THR A 92 11.07 13.81 -5.28
C THR A 92 11.15 12.61 -4.35
N PHE A 93 12.14 11.75 -4.60
CA PHE A 93 12.34 10.59 -3.76
C PHE A 93 12.77 11.01 -2.34
N MET A 94 13.54 12.09 -2.21
CA MET A 94 14.02 12.54 -0.91
C MET A 94 12.89 13.09 -0.03
N ASP A 95 11.89 13.74 -0.65
CA ASP A 95 10.75 14.25 0.10
C ASP A 95 9.56 13.30 0.10
N ASN A 96 9.74 12.09 -0.40
CA ASN A 96 8.68 11.07 -0.39
C ASN A 96 8.64 10.43 1.00
N THR A 97 8.19 11.21 1.96
CA THR A 97 8.22 10.83 3.37
C THR A 97 6.81 10.82 3.90
N GLU A 98 6.62 10.19 5.05
N GLU A 98 6.62 10.19 5.05
CA GLU A 98 5.31 10.10 5.68
CA GLU A 98 5.32 10.09 5.68
C GLU A 98 4.69 11.48 5.99
C GLU A 98 4.69 11.47 6.01
N PRO A 99 5.47 12.41 6.58
CA PRO A 99 4.88 13.74 6.88
C PRO A 99 4.46 14.54 5.64
N HIS A 100 5.31 14.56 4.63
CA HIS A 100 4.97 15.19 3.36
C HIS A 100 3.75 14.52 2.70
N ILE A 101 3.77 13.19 2.58
CA ILE A 101 2.62 12.46 2.01
C ILE A 101 1.32 12.74 2.80
N ARG A 102 1.41 12.69 4.12
N ARG A 102 1.41 12.69 4.12
CA ARG A 102 0.26 12.94 4.98
CA ARG A 102 0.26 12.93 4.98
C ARG A 102 -0.28 14.36 4.80
C ARG A 102 -0.28 14.36 4.81
N GLY A 103 0.62 15.33 4.68
CA GLY A 103 0.25 16.72 4.43
C GLY A 103 -0.57 16.89 3.16
N ASN A 104 -0.06 16.37 2.04
CA ASN A 104 -0.75 16.50 0.76
C ASN A 104 -2.11 15.77 0.74
N VAL A 105 -2.16 14.58 1.32
CA VAL A 105 -3.44 13.85 1.46
C VAL A 105 -4.44 14.67 2.27
N ARG A 106 -4.01 15.15 3.43
CA ARG A 106 -4.82 16.04 4.27
C ARG A 106 -5.34 17.29 3.54
N ALA A 107 -4.47 17.98 2.80
CA ALA A 107 -4.90 19.20 2.08
C ALA A 107 -5.97 18.86 1.05
N LEU A 108 -5.77 17.76 0.35
CA LEU A 108 -6.72 17.32 -0.65
C LEU A 108 -8.06 16.96 -0.01
N LEU A 109 -8.03 16.31 1.15
CA LEU A 109 -9.27 15.95 1.83
C LEU A 109 -10.00 17.21 2.29
N GLN A 110 -9.26 18.16 2.85
CA GLN A 110 -9.82 19.43 3.30
C GLN A 110 -10.53 20.18 2.19
N MET A 111 -9.86 20.29 1.03
CA MET A 111 -10.46 20.94 -0.13
C MET A 111 -11.72 20.19 -0.57
N ALA A 112 -11.68 18.86 -0.51
CA ALA A 112 -12.76 18.05 -1.02
C ALA A 112 -14.07 18.25 -0.27
N VAL A 113 -13.99 18.34 1.06
CA VAL A 113 -15.20 18.50 1.88
C VAL A 113 -15.80 19.90 1.69
N VAL A 114 -14.94 20.91 1.55
CA VAL A 114 -15.39 22.26 1.26
C VAL A 114 -16.05 22.30 -0.11
N LEU A 115 -15.46 21.61 -1.08
CA LEU A 115 -15.97 21.59 -2.44
C LEU A 115 -17.23 20.75 -2.59
N THR A 116 -17.34 19.70 -1.79
CA THR A 116 -18.52 18.83 -1.79
C THR A 116 -19.73 19.63 -1.31
N TYR A 117 -19.55 20.35 -0.19
CA TYR A 117 -20.59 21.23 0.33
C TYR A 117 -20.99 22.32 -0.65
N GLY A 118 -20.00 22.96 -1.27
CA GLY A 118 -20.26 24.01 -2.25
C GLY A 118 -20.99 23.51 -3.48
N ALA A 119 -20.57 22.36 -3.99
CA ALA A 119 -21.15 21.77 -5.20
C ALA A 119 -22.48 21.04 -4.93
N SER A 120 -22.71 20.65 -3.68
CA SER A 120 -23.87 19.84 -3.30
C SER A 120 -23.93 18.56 -4.14
N MET A 121 -22.78 17.96 -4.38
CA MET A 121 -22.67 16.72 -5.15
C MET A 121 -21.32 16.09 -4.86
N PRO A 122 -21.18 14.78 -5.11
CA PRO A 122 -19.94 14.07 -4.76
C PRO A 122 -18.70 14.58 -5.48
N VAL A 123 -17.58 14.58 -4.75
CA VAL A 123 -16.30 15.00 -5.30
C VAL A 123 -15.37 13.80 -5.43
N VAL A 124 -14.89 13.55 -6.65
CA VAL A 124 -13.89 12.52 -6.91
C VAL A 124 -12.53 13.12 -6.61
N LYS A 125 -11.78 12.44 -5.75
CA LYS A 125 -10.48 12.93 -5.28
C LYS A 125 -9.37 12.16 -5.95
N VAL A 126 -8.63 12.85 -6.83
CA VAL A 126 -7.49 12.26 -7.53
C VAL A 126 -6.22 13.01 -7.13
N ALA A 127 -5.25 12.29 -6.58
CA ALA A 127 -3.97 12.88 -6.19
C ALA A 127 -2.91 12.80 -7.31
N ARG A 128 -2.10 13.86 -7.43
CA ARG A 128 -0.87 13.83 -8.19
C ARG A 128 0.15 13.25 -7.24
N ILE A 129 0.29 11.93 -7.24
CA ILE A 129 1.07 11.25 -6.21
C ILE A 129 1.45 9.84 -6.66
N ALA A 130 2.41 9.24 -5.96
CA ALA A 130 2.85 7.88 -6.23
C ALA A 130 3.25 7.61 -7.70
N GLY A 131 4.01 8.54 -8.29
CA GLY A 131 4.51 8.36 -9.67
C GLY A 131 4.73 9.61 -10.51
N GLN A 132 4.41 10.78 -9.97
CA GLN A 132 4.60 12.06 -10.66
C GLN A 132 6.09 12.47 -10.58
N TYR A 133 6.94 11.68 -11.24
CA TYR A 133 8.39 11.78 -11.11
C TYR A 133 9.12 12.13 -12.40
N ALA A 134 8.40 12.59 -13.41
CA ALA A 134 9.01 12.91 -14.68
C ALA A 134 8.38 14.15 -15.27
N LYS A 135 9.22 15.01 -15.84
CA LYS A 135 8.73 16.23 -16.47
C LYS A 135 9.42 16.49 -17.80
N PRO A 136 8.73 17.20 -18.70
CA PRO A 136 9.37 17.59 -19.94
C PRO A 136 10.22 18.81 -19.70
N ARG A 137 11.05 19.16 -20.65
CA ARG A 137 11.65 20.49 -20.67
C ARG A 137 11.62 21.09 -22.07
N SER A 138 11.66 22.42 -22.11
CA SER A 138 11.69 23.16 -23.37
C SER A 138 13.13 23.19 -23.90
N ALA A 139 14.08 23.56 -23.04
CA ALA A 139 15.51 23.56 -23.42
C ALA A 139 16.30 22.48 -22.71
N ASP A 140 17.34 22.00 -23.39
CA ASP A 140 18.17 20.91 -22.91
C ASP A 140 19.37 21.39 -22.08
N ILE A 141 19.55 22.72 -21.99
CA ILE A 141 20.59 23.32 -21.15
C ILE A 141 19.96 24.38 -20.25
N ASP A 142 20.11 24.21 -18.93
CA ASP A 142 19.50 25.15 -17.98
C ASP A 142 20.40 26.34 -17.68
N ALA A 143 19.91 27.27 -16.86
CA ALA A 143 20.63 28.51 -16.58
C ALA A 143 22.02 28.28 -15.97
N LEU A 144 22.23 27.14 -15.35
CA LEU A 144 23.52 26.79 -14.75
C LEU A 144 24.47 26.13 -15.75
N GLY A 145 24.06 25.99 -17.01
CA GLY A 145 24.90 25.38 -18.04
C GLY A 145 24.95 23.86 -18.00
N LEU A 146 24.05 23.25 -17.23
CA LEU A 146 23.96 21.79 -17.10
C LEU A 146 22.83 21.22 -17.96
N ARG A 147 22.90 19.92 -18.24
CA ARG A 147 21.76 19.15 -18.73
C ARG A 147 20.57 19.33 -17.79
N SER A 148 19.39 19.58 -18.36
CA SER A 148 18.19 19.85 -17.59
C SER A 148 17.77 18.72 -16.66
N TYR A 149 17.27 19.10 -15.49
CA TYR A 149 16.57 18.19 -14.60
C TYR A 149 15.26 17.80 -15.27
N ARG A 150 14.98 16.49 -15.36
CA ARG A 150 13.75 16.03 -16.01
C ARG A 150 12.90 15.18 -15.09
N GLY A 151 13.10 15.28 -13.78
CA GLY A 151 12.36 14.49 -12.78
C GLY A 151 13.15 13.29 -12.29
N ASP A 152 12.86 12.86 -11.07
CA ASP A 152 13.65 11.81 -10.39
C ASP A 152 13.64 10.43 -11.08
N MET A 153 12.64 10.19 -11.94
CA MET A 153 12.62 8.98 -12.77
C MET A 153 13.72 8.98 -13.82
N ILE A 154 14.27 10.16 -14.12
CA ILE A 154 15.25 10.31 -15.20
C ILE A 154 16.63 10.71 -14.69
N ASN A 155 16.70 11.78 -13.91
CA ASN A 155 17.98 12.22 -13.33
C ASN A 155 17.77 12.96 -12.02
N GLY A 156 18.85 13.43 -11.41
CA GLY A 156 18.81 14.08 -10.09
C GLY A 156 18.73 15.60 -10.15
N PHE A 157 18.09 16.21 -9.16
CA PHE A 157 17.89 17.67 -9.07
C PHE A 157 19.19 18.43 -8.81
N ALA A 158 20.11 17.80 -8.09
CA ALA A 158 21.33 18.48 -7.68
C ALA A 158 22.07 18.99 -8.90
N PRO A 159 22.66 20.19 -8.81
CA PRO A 159 23.33 20.81 -9.94
C PRO A 159 24.75 20.30 -10.13
N ASP A 160 24.88 19.04 -10.54
CA ASP A 160 26.19 18.52 -10.93
C ASP A 160 26.08 17.42 -12.02
N ALA A 161 27.07 17.37 -12.89
CA ALA A 161 27.05 16.54 -14.09
C ALA A 161 26.73 15.07 -13.84
N ALA A 162 27.33 14.50 -12.80
CA ALA A 162 27.10 13.09 -12.46
C ALA A 162 25.61 12.82 -12.20
N ALA A 163 24.99 13.69 -11.42
CA ALA A 163 23.58 13.55 -11.04
C ALA A 163 22.59 13.76 -12.21
N ARG A 164 22.99 14.56 -13.19
CA ARG A 164 22.13 14.94 -14.32
C ARG A 164 22.17 13.96 -15.49
N GLU A 165 23.10 13.02 -15.46
CA GLU A 165 23.11 11.97 -16.47
C GLU A 165 21.87 11.11 -16.32
N HIS A 166 21.32 10.67 -17.45
CA HIS A 166 20.09 9.90 -17.44
C HIS A 166 20.36 8.46 -16.99
N ASP A 167 19.81 8.08 -15.83
CA ASP A 167 20.08 6.78 -15.20
C ASP A 167 18.84 5.88 -15.19
N PRO A 168 18.83 4.81 -16.01
CA PRO A 168 17.66 3.94 -16.12
C PRO A 168 17.33 3.13 -14.87
N SER A 169 18.29 2.95 -13.97
CA SER A 169 17.98 2.31 -12.70
C SER A 169 16.91 3.10 -11.93
N ARG A 170 16.78 4.40 -12.23
CA ARG A 170 15.75 5.22 -11.61
C ARG A 170 14.32 4.81 -11.98
N LEU A 171 14.16 4.03 -13.05
CA LEU A 171 12.86 3.42 -13.35
C LEU A 171 12.41 2.50 -12.22
N VAL A 172 13.33 1.73 -11.65
CA VAL A 172 13.01 0.84 -10.52
C VAL A 172 12.93 1.60 -9.19
N ARG A 173 13.85 2.51 -8.96
CA ARG A 173 13.77 3.38 -7.78
C ARG A 173 12.45 4.15 -7.76
N ALA A 174 11.94 4.49 -8.95
CA ALA A 174 10.65 5.18 -9.10
C ALA A 174 9.51 4.28 -8.66
N TYR A 175 9.52 3.02 -9.10
CA TYR A 175 8.48 2.09 -8.69
C TYR A 175 8.51 1.86 -7.18
N ALA A 176 9.71 1.64 -6.62
CA ALA A 176 9.83 1.43 -5.15
C ALA A 176 9.16 2.57 -4.37
N ASN A 177 9.48 3.80 -4.72
CA ASN A 177 8.90 4.99 -4.07
C ASN A 177 7.40 5.13 -4.29
N ALA A 178 6.95 4.77 -5.49
CA ALA A 178 5.55 4.86 -5.86
C ALA A 178 4.71 3.85 -5.08
N SER A 179 5.16 2.60 -5.07
CA SER A 179 4.47 1.55 -4.35
C SER A 179 4.43 1.89 -2.87
N ALA A 180 5.54 2.40 -2.32
CA ALA A 180 5.59 2.71 -0.88
C ALA A 180 4.70 3.89 -0.52
N ALA A 181 4.66 4.89 -1.39
CA ALA A 181 3.80 6.05 -1.20
C ALA A 181 2.34 5.62 -1.22
N MET A 182 2.00 4.71 -2.13
CA MET A 182 0.62 4.29 -2.29
C MET A 182 0.16 3.41 -1.13
N ASN A 183 1.01 2.51 -0.69
CA ASN A 183 0.72 1.74 0.52
C ASN A 183 0.30 2.69 1.66
N LEU A 184 0.97 3.84 1.77
CA LEU A 184 0.67 4.79 2.83
C LEU A 184 -0.64 5.54 2.61
N VAL A 185 -0.91 5.94 1.37
CA VAL A 185 -2.16 6.60 0.99
C VAL A 185 -3.33 5.67 1.31
N ARG A 186 -3.20 4.41 0.92
CA ARG A 186 -4.24 3.42 1.21
C ARG A 186 -4.47 3.30 2.71
N ALA A 187 -3.37 3.16 3.47
CA ALA A 187 -3.44 3.07 4.94
C ALA A 187 -4.11 4.27 5.59
N LEU A 188 -3.78 5.46 5.14
CA LEU A 188 -4.28 6.70 5.74
C LEU A 188 -5.79 6.90 5.46
N THR A 189 -6.18 6.61 4.21
CA THR A 189 -7.55 6.77 3.76
C THR A 189 -8.50 5.75 4.39
N SER A 190 -7.99 4.58 4.76
CA SER A 190 -8.79 3.57 5.44
C SER A 190 -8.70 3.65 6.97
N SER A 191 -7.98 4.65 7.49
CA SER A 191 -7.94 4.91 8.94
C SER A 191 -8.33 6.36 9.23
N GLY A 192 -8.24 6.78 10.49
CA GLY A 192 -8.82 8.06 10.91
C GLY A 192 -8.64 9.33 10.12
N LEU A 193 -7.55 9.44 9.36
CA LEU A 193 -7.22 10.67 8.66
C LEU A 193 -8.33 11.14 7.75
N ALA A 194 -9.03 10.19 7.12
CA ALA A 194 -10.08 10.52 6.17
C ALA A 194 -11.46 10.68 6.82
N SER A 195 -11.51 10.65 8.15
CA SER A 195 -12.76 10.82 8.88
C SER A 195 -13.30 12.25 8.76
N LEU A 196 -14.50 12.38 8.20
CA LEU A 196 -15.10 13.70 7.92
C LEU A 196 -15.02 14.71 9.07
N HIS A 197 -15.34 14.27 10.27
N HIS A 197 -15.35 14.26 10.27
CA HIS A 197 -15.41 15.17 11.42
CA HIS A 197 -15.40 15.16 11.44
C HIS A 197 -14.02 15.64 11.85
C HIS A 197 -14.02 15.65 11.83
N LEU A 198 -13.00 14.81 11.65
CA LEU A 198 -11.62 15.20 11.87
C LEU A 198 -11.18 16.27 10.86
N VAL A 199 -11.58 16.10 9.60
CA VAL A 199 -11.10 16.95 8.51
C VAL A 199 -11.55 18.41 8.65
N HIS A 200 -12.82 18.62 8.99
CA HIS A 200 -13.32 19.99 9.11
C HIS A 200 -12.75 20.74 10.31
N ASP A 201 -12.26 20.03 11.32
CA ASP A 201 -11.61 20.66 12.48
C ASP A 201 -10.29 21.34 12.09
N TRP A 202 -9.67 20.85 11.02
CA TRP A 202 -8.51 21.51 10.42
C TRP A 202 -8.91 22.82 9.76
N ASN A 203 -10.10 22.84 9.16
CA ASN A 203 -10.64 24.04 8.56
C ASN A 203 -10.96 25.08 9.63
N ARG A 204 -11.31 24.61 10.83
CA ARG A 204 -11.53 25.50 11.97
C ARG A 204 -10.22 26.14 12.45
N GLU A 205 -9.11 25.40 12.34
CA GLU A 205 -7.77 25.96 12.63
C GLU A 205 -7.31 26.92 11.53
N PHE A 206 -7.73 26.67 10.30
CA PHE A 206 -7.46 27.58 9.18
C PHE A 206 -8.21 28.91 9.36
N VAL A 207 -9.49 28.83 9.70
CA VAL A 207 -10.32 30.02 9.91
C VAL A 207 -9.79 30.92 11.03
N ARG A 208 -9.28 30.31 12.11
CA ARG A 208 -8.74 31.09 13.23
C ARG A 208 -7.39 31.73 12.91
N THR A 209 -6.55 31.02 12.16
CA THR A 209 -5.18 31.47 11.91
C THR A 209 -4.92 31.97 10.46
N SER A 210 -5.99 32.37 9.75
CA SER A 210 -5.82 33.04 8.46
C SER A 210 -6.03 34.54 8.60
N PRO A 211 -5.19 35.37 7.97
CA PRO A 211 -5.42 36.81 7.97
C PRO A 211 -6.75 37.21 7.31
N ALA A 212 -7.30 36.33 6.47
CA ALA A 212 -8.63 36.52 5.88
C ALA A 212 -9.64 35.49 6.42
N GLY A 213 -9.44 35.05 7.66
CA GLY A 213 -10.32 34.06 8.28
C GLY A 213 -11.74 34.56 8.50
N ALA A 214 -11.89 35.87 8.72
CA ALA A 214 -13.20 36.50 8.89
C ALA A 214 -14.02 36.48 7.60
N ARG A 215 -13.35 36.36 6.46
CA ARG A 215 -14.02 36.30 5.15
C ARG A 215 -14.63 34.92 4.91
N TYR A 216 -13.97 33.89 5.43
CA TYR A 216 -14.38 32.51 5.21
C TYR A 216 -15.10 31.88 6.41
N GLU A 217 -15.37 32.70 7.43
CA GLU A 217 -15.99 32.24 8.68
C GLU A 217 -17.42 31.74 8.44
N ALA A 218 -18.19 32.49 7.66
CA ALA A 218 -19.59 32.16 7.39
C ALA A 218 -19.72 30.77 6.77
N LEU A 219 -18.95 30.53 5.71
CA LEU A 219 -19.04 29.26 4.98
C LEU A 219 -18.51 28.09 5.81
N ALA A 220 -17.42 28.35 6.53
CA ALA A 220 -16.84 27.37 7.48
C ALA A 220 -17.84 26.95 8.57
N THR A 221 -18.55 27.93 9.13
CA THR A 221 -19.57 27.68 10.15
C THR A 221 -20.74 26.89 9.56
N GLU A 222 -21.15 27.31 8.37
CA GLU A 222 -22.22 26.65 7.64
C GLU A 222 -21.89 25.18 7.40
N ILE A 223 -20.66 24.89 6.97
CA ILE A 223 -20.23 23.51 6.77
C ILE A 223 -20.29 22.73 8.10
N ASP A 224 -19.75 23.34 9.16
CA ASP A 224 -19.74 22.72 10.48
C ASP A 224 -21.14 22.32 10.95
N ARG A 225 -22.13 23.13 10.62
CA ARG A 225 -23.52 22.84 10.98
C ARG A 225 -24.12 21.75 10.11
N GLY A 226 -23.71 21.68 8.84
CA GLY A 226 -24.08 20.55 7.98
C GLY A 226 -23.57 19.22 8.52
N LEU A 227 -22.34 19.22 9.03
CA LEU A 227 -21.74 18.01 9.60
C LEU A 227 -22.44 17.57 10.89
N ARG A 228 -22.72 18.52 11.77
CA ARG A 228 -23.44 18.21 13.01
C ARG A 228 -24.88 17.77 12.74
N PHE A 229 -25.48 18.31 11.68
CA PHE A 229 -26.80 17.87 11.24
C PHE A 229 -26.82 16.37 10.91
N MET A 230 -25.79 15.91 10.18
CA MET A 230 -25.64 14.49 9.86
C MET A 230 -25.54 13.64 11.11
N SER A 231 -24.64 14.07 12.00
CA SER A 231 -24.44 13.40 13.28
C SER A 231 -25.75 13.33 14.06
N ALA A 232 -26.45 14.45 14.10
CA ALA A 232 -27.72 14.54 14.85
C ALA A 232 -28.84 13.68 14.23
N CYS A 233 -28.80 13.49 12.92
CA CYS A 233 -29.77 12.63 12.23
C CYS A 233 -29.44 11.14 12.40
N GLY A 234 -28.36 10.82 13.11
CA GLY A 234 -28.01 9.44 13.42
C GLY A 234 -27.12 8.79 12.38
N VAL A 235 -26.28 9.60 11.72
CA VAL A 235 -25.32 9.12 10.72
C VAL A 235 -23.91 9.13 11.30
N ALA A 236 -23.35 7.94 11.56
CA ALA A 236 -22.01 7.78 12.14
C ALA A 236 -20.93 7.58 11.07
N ASP A 237 -19.67 7.68 11.47
CA ASP A 237 -18.51 7.56 10.57
C ASP A 237 -18.57 6.37 9.63
N ARG A 238 -18.68 5.19 10.22
CA ARG A 238 -18.71 3.93 9.47
C ARG A 238 -19.88 3.81 8.49
N ASN A 239 -20.91 4.64 8.69
CA ASN A 239 -22.02 4.74 7.74
C ASN A 239 -21.60 5.31 6.39
N LEU A 240 -20.79 6.36 6.43
CA LEU A 240 -20.30 7.04 5.24
C LEU A 240 -19.44 6.18 4.33
N GLN A 241 -18.59 5.36 4.95
CA GLN A 241 -17.68 4.49 4.23
C GLN A 241 -16.32 5.18 4.06
N THR A 242 -15.28 4.40 3.81
CA THR A 242 -13.94 4.94 3.63
C THR A 242 -13.76 5.85 2.40
N ALA A 243 -12.98 6.90 2.60
CA ALA A 243 -12.65 7.86 1.55
C ALA A 243 -11.74 7.22 0.51
N GLU A 244 -11.92 7.59 -0.76
CA GLU A 244 -11.11 7.04 -1.83
C GLU A 244 -10.27 8.14 -2.44
N ILE A 245 -8.96 7.96 -2.44
CA ILE A 245 -8.03 8.87 -3.12
C ILE A 245 -7.26 8.10 -4.19
N TYR A 246 -7.47 8.47 -5.44
CA TYR A 246 -6.87 7.77 -6.58
C TYR A 246 -5.52 8.41 -6.87
N ALA A 247 -4.63 7.64 -7.47
CA ALA A 247 -3.29 8.10 -7.84
C ALA A 247 -3.26 8.45 -9.31
N SER A 248 -2.55 9.52 -9.64
CA SER A 248 -2.35 9.90 -11.03
C SER A 248 -1.00 10.58 -11.26
N HIS A 249 -0.58 10.58 -12.52
CA HIS A 249 0.58 11.35 -12.95
C HIS A 249 0.55 11.51 -14.46
N GLU A 250 1.39 12.39 -14.98
CA GLU A 250 1.60 12.50 -16.40
C GLU A 250 2.31 11.26 -16.96
N ALA A 251 1.65 10.53 -17.85
CA ALA A 251 2.30 9.42 -18.57
C ALA A 251 3.30 9.98 -19.58
N LEU A 252 4.56 10.15 -19.14
CA LEU A 252 5.60 10.79 -19.96
C LEU A 252 6.70 9.83 -20.40
N VAL A 253 7.19 9.02 -19.49
CA VAL A 253 8.27 8.07 -19.77
C VAL A 253 7.70 6.71 -20.18
N LEU A 254 7.70 6.44 -21.47
CA LEU A 254 7.01 5.28 -22.01
C LEU A 254 7.63 3.93 -21.61
N ASP A 255 8.95 3.90 -21.38
CA ASP A 255 9.64 2.75 -20.79
C ASP A 255 9.03 2.30 -19.46
N TYR A 256 8.57 3.26 -18.65
CA TYR A 256 7.98 2.97 -17.35
C TYR A 256 6.54 2.53 -17.52
N GLU A 257 5.73 3.34 -18.20
CA GLU A 257 4.30 3.05 -18.38
C GLU A 257 4.06 1.72 -19.06
N ARG A 258 4.87 1.37 -20.06
CA ARG A 258 4.63 0.13 -20.82
C ARG A 258 4.99 -1.13 -20.03
N ALA A 259 5.93 -1.01 -19.09
CA ALA A 259 6.34 -2.15 -18.27
C ALA A 259 5.41 -2.35 -17.08
N MET A 260 4.59 -1.36 -16.81
CA MET A 260 3.59 -1.44 -15.76
C MET A 260 2.21 -1.85 -16.32
N LEU A 261 2.15 -2.16 -17.62
CA LEU A 261 0.93 -2.65 -18.23
C LEU A 261 0.61 -4.06 -17.74
N ARG A 262 -0.66 -4.32 -17.47
CA ARG A 262 -1.12 -5.67 -17.12
C ARG A 262 -2.46 -5.96 -17.79
N LEU A 263 -2.74 -7.24 -17.96
CA LEU A 263 -3.97 -7.72 -18.57
C LEU A 263 -4.95 -8.10 -17.47
N SER A 264 -6.21 -7.67 -17.58
CA SER A 264 -7.20 -7.91 -16.53
C SER A 264 -7.66 -9.36 -16.47
N ASP A 265 -8.08 -9.77 -15.27
CA ASP A 265 -8.49 -11.16 -14.96
C ASP A 265 -9.37 -11.80 -16.04
N GLY A 266 -10.35 -11.04 -16.53
CA GLY A 266 -11.34 -11.59 -17.45
C GLY A 266 -12.56 -12.13 -16.72
N ASP A 267 -12.56 -12.02 -15.38
CA ASP A 267 -13.72 -12.36 -14.55
C ASP A 267 -14.86 -11.36 -14.78
N ASP A 268 -14.51 -10.08 -14.90
CA ASP A 268 -15.49 -9.02 -15.18
C ASP A 268 -16.18 -9.23 -16.52
N GLY A 269 -15.43 -9.75 -17.49
CA GLY A 269 -15.98 -10.10 -18.81
C GLY A 269 -14.91 -10.27 -19.87
N GLU A 270 -14.45 -9.14 -20.40
CA GLU A 270 -13.46 -9.12 -21.48
C GLU A 270 -12.12 -8.64 -20.93
N PRO A 271 -11.03 -9.40 -21.14
CA PRO A 271 -9.69 -8.92 -20.78
C PRO A 271 -9.30 -7.64 -21.53
N GLN A 272 -8.48 -6.81 -20.89
CA GLN A 272 -7.98 -5.59 -21.53
C GLN A 272 -6.77 -5.01 -20.81
N LEU A 273 -5.94 -4.28 -21.55
CA LEU A 273 -4.72 -3.68 -21.01
C LEU A 273 -5.04 -2.50 -20.12
N PHE A 274 -4.60 -2.60 -18.86
CA PHE A 274 -4.61 -1.48 -17.92
C PHE A 274 -3.17 -1.06 -17.63
N ASP A 275 -2.96 0.24 -17.47
CA ASP A 275 -1.68 0.76 -16.98
C ASP A 275 -1.82 0.78 -15.47
N LEU A 276 -1.11 -0.13 -14.80
CA LEU A 276 -1.24 -0.24 -13.34
C LEU A 276 -0.16 0.51 -12.56
N SER A 277 0.43 1.54 -13.16
CA SER A 277 1.32 2.47 -12.45
C SER A 277 0.52 3.51 -11.70
N ALA A 278 -0.75 3.64 -12.05
CA ALA A 278 -1.64 4.66 -11.55
C ALA A 278 -3.09 4.25 -11.80
N HIS A 279 -4.03 5.09 -11.38
CA HIS A 279 -5.45 4.86 -11.66
C HIS A 279 -5.84 5.62 -12.90
N THR A 280 -5.42 6.88 -12.97
CA THR A 280 -5.57 7.67 -14.20
C THR A 280 -4.29 8.44 -14.51
N VAL A 281 -4.08 8.69 -15.79
CA VAL A 281 -2.91 9.42 -16.24
C VAL A 281 -3.37 10.43 -17.27
N TRP A 282 -2.55 11.46 -17.47
CA TRP A 282 -2.85 12.48 -18.45
C TRP A 282 -1.63 12.68 -19.37
N ILE A 283 -1.89 13.26 -20.54
CA ILE A 283 -0.84 13.55 -21.50
C ILE A 283 -0.66 15.04 -21.56
N GLY A 284 0.60 15.47 -21.51
CA GLY A 284 0.94 16.88 -21.38
C GLY A 284 0.98 17.67 -22.69
N GLU A 285 1.04 18.99 -22.52
CA GLU A 285 1.06 19.94 -23.63
C GLU A 285 2.20 19.71 -24.64
N ARG A 286 3.35 19.24 -24.16
CA ARG A 286 4.53 19.03 -25.03
C ARG A 286 4.64 17.63 -25.64
N THR A 287 3.70 16.75 -25.35
CA THR A 287 3.76 15.34 -25.78
C THR A 287 2.45 14.84 -26.39
N ARG A 288 1.52 15.74 -26.70
CA ARG A 288 0.22 15.34 -27.20
C ARG A 288 0.12 15.36 -28.74
N GLN A 289 1.24 15.17 -29.41
CA GLN A 289 1.27 15.08 -30.86
C GLN A 289 0.24 14.06 -31.30
N ILE A 290 -0.68 14.47 -32.15
CA ILE A 290 -1.83 13.62 -32.48
C ILE A 290 -1.41 12.27 -33.08
N ASP A 291 -0.33 12.26 -33.84
CA ASP A 291 0.25 11.02 -34.37
C ASP A 291 1.51 10.57 -33.61
N GLY A 292 1.64 10.98 -32.36
CA GLY A 292 2.77 10.59 -31.50
C GLY A 292 2.51 9.36 -30.64
N ALA A 293 3.56 8.84 -30.01
CA ALA A 293 3.47 7.62 -29.17
C ALA A 293 2.63 7.80 -27.89
N HIS A 294 2.58 9.00 -27.33
CA HIS A 294 1.81 9.22 -26.10
C HIS A 294 0.31 9.10 -26.29
N ILE A 295 -0.20 9.78 -27.30
CA ILE A 295 -1.62 9.64 -27.65
C ILE A 295 -1.95 8.18 -28.02
N ALA A 296 -1.13 7.56 -28.88
CA ALA A 296 -1.35 6.15 -29.28
C ALA A 296 -1.36 5.19 -28.09
N PHE A 297 -0.47 5.45 -27.12
CA PHE A 297 -0.41 4.65 -25.91
C PHE A 297 -1.74 4.75 -25.16
N ALA A 298 -2.26 5.97 -25.06
CA ALA A 298 -3.52 6.24 -24.38
C ALA A 298 -4.72 5.61 -25.08
N GLN A 299 -4.63 5.39 -26.39
CA GLN A 299 -5.67 4.65 -27.11
C GLN A 299 -5.72 3.19 -26.67
N VAL A 300 -4.57 2.59 -26.39
CA VAL A 300 -4.50 1.16 -26.13
C VAL A 300 -4.88 0.78 -24.69
N ILE A 301 -4.64 1.68 -23.72
CA ILE A 301 -4.95 1.37 -22.32
C ILE A 301 -6.42 1.64 -22.00
N ALA A 302 -6.91 0.95 -20.98
CA ALA A 302 -8.31 1.03 -20.56
C ALA A 302 -8.53 2.15 -19.53
N ASN A 303 -7.45 2.65 -18.93
CA ASN A 303 -7.55 3.67 -17.87
C ASN A 303 -8.28 4.92 -18.37
N PRO A 304 -8.99 5.62 -17.49
CA PRO A 304 -9.41 6.98 -17.83
C PRO A 304 -8.19 7.87 -18.10
N VAL A 305 -8.28 8.72 -19.11
CA VAL A 305 -7.16 9.59 -19.45
C VAL A 305 -7.55 11.06 -19.53
N GLY A 306 -6.53 11.91 -19.54
CA GLY A 306 -6.70 13.35 -19.74
C GLY A 306 -5.75 13.90 -20.79
N VAL A 307 -6.10 15.03 -21.38
CA VAL A 307 -5.21 15.74 -22.30
C VAL A 307 -5.19 17.23 -21.96
N LYS A 308 -4.00 17.79 -21.80
CA LYS A 308 -3.84 19.21 -21.50
C LYS A 308 -4.06 20.06 -22.77
N LEU A 309 -4.92 21.07 -22.68
CA LEU A 309 -5.22 21.97 -23.80
C LEU A 309 -4.80 23.41 -23.50
N GLY A 310 -3.69 23.84 -24.11
CA GLY A 310 -3.17 25.18 -23.93
C GLY A 310 -3.71 26.16 -24.95
N PRO A 311 -3.25 27.42 -24.91
CA PRO A 311 -3.84 28.51 -25.72
C PRO A 311 -3.72 28.35 -27.25
N ASN A 312 -2.83 27.48 -27.72
CA ASN A 312 -2.71 27.19 -29.15
C ASN A 312 -3.73 26.19 -29.67
N MET A 313 -4.50 25.57 -28.77
CA MET A 313 -5.51 24.59 -29.15
C MET A 313 -6.53 25.17 -30.12
N THR A 314 -6.93 24.37 -31.10
CA THR A 314 -8.05 24.69 -31.99
C THR A 314 -9.25 23.80 -31.64
N PRO A 315 -10.49 24.28 -31.94
CA PRO A 315 -11.64 23.40 -31.76
C PRO A 315 -11.53 22.10 -32.56
N GLU A 316 -10.91 22.15 -33.74
CA GLU A 316 -10.79 21.02 -34.64
C GLU A 316 -9.89 19.93 -34.07
N LEU A 317 -8.75 20.34 -33.54
CA LEU A 317 -7.79 19.40 -32.98
C LEU A 317 -8.37 18.75 -31.70
N ALA A 318 -9.22 19.49 -30.99
CA ALA A 318 -9.88 18.97 -29.79
C ALA A 318 -10.86 17.85 -30.15
N VAL A 319 -11.60 18.02 -31.24
CA VAL A 319 -12.49 16.97 -31.76
C VAL A 319 -11.68 15.71 -32.08
N GLU A 320 -10.54 15.87 -32.75
CA GLU A 320 -9.68 14.72 -33.05
C GLU A 320 -9.28 13.94 -31.79
N TYR A 321 -8.92 14.65 -30.72
CA TYR A 321 -8.62 14.00 -29.45
C TYR A 321 -9.82 13.21 -28.92
N VAL A 322 -11.01 13.78 -29.04
CA VAL A 322 -12.24 13.13 -28.58
C VAL A 322 -12.51 11.85 -29.38
N GLU A 323 -12.30 11.91 -30.68
CA GLU A 323 -12.57 10.75 -31.54
C GLU A 323 -11.52 9.65 -31.40
N ARG A 324 -10.27 10.04 -31.18
CA ARG A 324 -9.20 9.06 -30.98
C ARG A 324 -9.22 8.42 -29.59
N LEU A 325 -9.42 9.24 -28.56
CA LEU A 325 -9.37 8.72 -27.19
C LEU A 325 -10.72 8.29 -26.59
N ASP A 326 -11.83 8.56 -27.28
CA ASP A 326 -13.15 8.10 -26.83
C ASP A 326 -13.95 7.52 -27.99
N PRO A 327 -13.35 6.54 -28.71
CA PRO A 327 -14.00 5.98 -29.90
C PRO A 327 -15.29 5.23 -29.59
N HIS A 328 -15.42 4.68 -28.39
CA HIS A 328 -16.64 3.97 -27.97
C HIS A 328 -17.63 4.84 -27.19
N ASN A 329 -17.40 6.15 -27.14
CA ASN A 329 -18.34 7.08 -26.50
C ASN A 329 -18.67 6.73 -25.02
N LYS A 330 -17.63 6.57 -24.20
CA LYS A 330 -17.80 6.26 -22.77
C LYS A 330 -17.66 7.53 -21.93
N PRO A 331 -18.77 8.03 -21.38
CA PRO A 331 -18.65 9.23 -20.57
C PRO A 331 -17.56 9.14 -19.49
N GLY A 332 -16.73 10.16 -19.39
CA GLY A 332 -15.71 10.24 -18.34
C GLY A 332 -14.45 9.45 -18.60
N ARG A 333 -14.32 8.90 -19.80
CA ARG A 333 -13.13 8.14 -20.20
C ARG A 333 -12.07 9.16 -20.61
N LEU A 334 -12.51 10.28 -21.17
CA LEU A 334 -11.62 11.36 -21.57
C LEU A 334 -11.92 12.64 -20.81
N THR A 335 -10.87 13.28 -20.31
CA THR A 335 -10.97 14.57 -19.66
C THR A 335 -10.15 15.55 -20.50
N LEU A 336 -10.72 16.71 -20.80
CA LEU A 336 -9.96 17.76 -21.47
C LEU A 336 -9.62 18.84 -20.46
N VAL A 337 -8.32 19.11 -20.29
CA VAL A 337 -7.84 19.96 -19.21
C VAL A 337 -7.37 21.33 -19.76
N SER A 338 -8.25 22.33 -19.70
CA SER A 338 -7.93 23.65 -20.24
C SER A 338 -7.02 24.43 -19.31
N ARG A 339 -5.85 24.80 -19.84
CA ARG A 339 -4.92 25.72 -19.17
C ARG A 339 -4.54 26.84 -20.15
N MET A 340 -5.29 27.94 -20.08
CA MET A 340 -5.19 29.02 -21.07
C MET A 340 -4.55 30.29 -20.55
N GLY A 341 -4.58 30.50 -19.23
CA GLY A 341 -4.29 31.81 -18.65
C GLY A 341 -5.59 32.59 -18.44
N ASN A 342 -5.66 33.35 -17.33
CA ASN A 342 -6.89 34.03 -16.94
C ASN A 342 -7.32 35.15 -17.91
N HIS A 343 -6.34 35.72 -18.60
CA HIS A 343 -6.55 36.75 -19.62
C HIS A 343 -7.06 36.19 -20.96
N LYS A 344 -6.99 34.86 -21.15
CA LYS A 344 -7.32 34.23 -22.44
C LYS A 344 -8.47 33.20 -22.41
N VAL A 345 -8.78 32.65 -21.23
CA VAL A 345 -9.74 31.55 -21.13
C VAL A 345 -11.15 31.92 -21.58
N ARG A 346 -11.58 33.16 -21.28
CA ARG A 346 -12.93 33.62 -21.61
C ARG A 346 -13.14 33.75 -23.12
N ASP A 347 -12.05 33.93 -23.86
CA ASP A 347 -12.12 34.05 -25.31
C ASP A 347 -11.88 32.71 -26.01
N LEU A 348 -10.87 31.97 -25.57
CA LEU A 348 -10.38 30.79 -26.30
C LEU A 348 -11.14 29.50 -26.03
N LEU A 349 -11.70 29.35 -24.84
CA LEU A 349 -12.34 28.10 -24.46
C LEU A 349 -13.73 27.85 -25.09
N PRO A 350 -14.60 28.89 -25.13
CA PRO A 350 -15.97 28.68 -25.63
C PRO A 350 -16.07 27.95 -26.99
N PRO A 351 -15.30 28.37 -28.01
CA PRO A 351 -15.41 27.66 -29.29
C PRO A 351 -15.03 26.18 -29.19
N ILE A 352 -13.96 25.87 -28.46
CA ILE A 352 -13.54 24.49 -28.22
C ILE A 352 -14.67 23.68 -27.57
N VAL A 353 -15.31 24.26 -26.56
CA VAL A 353 -16.39 23.57 -25.85
C VAL A 353 -17.57 23.29 -26.78
N GLU A 354 -17.98 24.30 -27.55
CA GLU A 354 -19.12 24.17 -28.48
C GLU A 354 -18.89 23.06 -29.50
N LYS A 355 -17.69 23.00 -30.05
CA LYS A 355 -17.36 22.04 -31.11
C LYS A 355 -17.32 20.60 -30.57
N VAL A 356 -16.79 20.43 -29.36
CA VAL A 356 -16.71 19.11 -28.72
C VAL A 356 -18.08 18.62 -28.24
N GLN A 357 -18.90 19.53 -27.72
CA GLN A 357 -20.29 19.17 -27.37
C GLN A 357 -21.05 18.68 -28.60
N ALA A 358 -20.77 19.27 -29.76
CA ALA A 358 -21.49 18.91 -31.01
C ALA A 358 -21.20 17.50 -31.49
N THR A 359 -20.08 16.92 -31.05
CA THR A 359 -19.71 15.56 -31.45
C THR A 359 -20.61 14.47 -30.84
N GLY A 360 -21.32 14.80 -29.76
CA GLY A 360 -22.17 13.84 -29.07
C GLY A 360 -21.47 13.05 -27.96
N HIS A 361 -20.17 13.28 -27.78
CA HIS A 361 -19.44 12.61 -26.71
C HIS A 361 -19.62 13.36 -25.39
N GLN A 362 -19.32 12.71 -24.29
CA GLN A 362 -19.39 13.35 -22.98
C GLN A 362 -18.03 13.30 -22.34
N VAL A 363 -17.30 14.40 -22.48
CA VAL A 363 -15.99 14.57 -21.86
C VAL A 363 -16.12 15.27 -20.51
N ILE A 364 -15.05 15.26 -19.73
CA ILE A 364 -15.00 16.06 -18.52
C ILE A 364 -14.23 17.34 -18.83
N TRP A 365 -14.85 18.48 -18.54
CA TRP A 365 -14.18 19.77 -18.69
C TRP A 365 -13.52 20.09 -17.36
N GLN A 366 -12.20 20.21 -17.38
CA GLN A 366 -11.43 20.41 -16.17
C GLN A 366 -10.53 21.64 -16.33
N CYS A 367 -10.55 22.49 -15.30
CA CYS A 367 -9.73 23.68 -15.28
C CYS A 367 -8.39 23.42 -14.59
N ASP A 368 -7.32 23.72 -15.30
CA ASP A 368 -6.01 23.85 -14.70
C ASP A 368 -5.65 25.33 -14.71
N PRO A 369 -5.80 26.02 -13.56
CA PRO A 369 -5.54 27.45 -13.48
C PRO A 369 -4.09 27.81 -13.19
N MET A 370 -3.19 26.83 -13.24
CA MET A 370 -1.81 27.01 -12.79
C MET A 370 -0.87 27.21 -13.98
N HIS A 371 -0.89 26.25 -14.91
CA HIS A 371 0.13 26.14 -15.96
C HIS A 371 0.02 27.17 -17.07
N GLY A 372 -1.05 27.94 -17.09
CA GLY A 372 -1.19 29.06 -18.01
C GLY A 372 -0.82 30.40 -17.41
N ASN A 373 -0.47 30.42 -16.12
CA ASN A 373 -0.27 31.67 -15.37
C ASN A 373 1.06 31.74 -14.62
N THR A 374 2.13 31.26 -15.25
CA THR A 374 3.46 31.31 -14.64
C THR A 374 4.28 32.48 -15.21
N HIS A 375 4.97 33.19 -14.33
CA HIS A 375 5.93 34.25 -14.70
C HIS A 375 7.12 34.24 -13.74
N GLU A 376 8.14 35.03 -14.07
CA GLU A 376 9.37 35.10 -13.27
C GLU A 376 9.37 36.39 -12.44
N SER A 377 9.75 36.30 -11.17
CA SER A 377 9.77 37.46 -10.28
C SER A 377 11.08 38.22 -10.41
N SER A 378 11.10 39.46 -9.92
CA SER A 378 12.31 40.29 -9.92
C SER A 378 13.36 39.78 -8.92
N THR A 379 12.94 38.96 -7.96
CA THR A 379 13.85 38.31 -7.01
C THR A 379 14.49 37.02 -7.56
N GLY A 380 14.03 36.55 -8.73
CA GLY A 380 14.67 35.45 -9.44
C GLY A 380 13.91 34.12 -9.42
N PHE A 381 12.82 34.05 -8.65
CA PHE A 381 12.08 32.80 -8.47
C PHE A 381 10.92 32.74 -9.45
N LYS A 382 10.85 31.64 -10.20
CA LYS A 382 9.69 31.32 -11.04
C LYS A 382 8.42 31.27 -10.17
N THR A 383 7.35 31.93 -10.60
CA THR A 383 6.19 32.11 -9.71
C THR A 383 4.82 32.25 -10.42
N ARG A 384 3.78 32.32 -9.61
CA ARG A 384 2.39 32.47 -10.06
C ARG A 384 1.66 33.36 -9.06
N HIS A 385 0.71 34.17 -9.53
CA HIS A 385 -0.08 35.02 -8.63
C HIS A 385 -1.45 34.38 -8.34
N PHE A 386 -1.80 34.37 -7.06
CA PHE A 386 -3.01 33.71 -6.57
C PHE A 386 -4.29 34.30 -7.20
N ASP A 387 -4.32 35.62 -7.33
CA ASP A 387 -5.42 36.33 -8.00
C ASP A 387 -5.61 35.91 -9.46
N ARG A 388 -4.52 35.63 -10.18
CA ARG A 388 -4.61 35.19 -11.57
C ARG A 388 -5.06 33.73 -11.64
N ILE A 389 -4.67 32.93 -10.65
CA ILE A 389 -5.10 31.53 -10.55
C ILE A 389 -6.59 31.47 -10.29
N VAL A 390 -7.04 32.23 -9.29
CA VAL A 390 -8.45 32.32 -8.95
C VAL A 390 -9.26 32.76 -10.16
N ASP A 391 -8.74 33.75 -10.88
CA ASP A 391 -9.48 34.39 -11.95
C ASP A 391 -9.75 33.49 -13.16
N GLU A 392 -8.82 32.57 -13.45
CA GLU A 392 -9.03 31.65 -14.56
C GLU A 392 -10.08 30.60 -14.24
N VAL A 393 -10.12 30.16 -12.98
CA VAL A 393 -11.21 29.26 -12.53
C VAL A 393 -12.55 30.02 -12.67
N GLN A 394 -12.57 31.29 -12.25
CA GLN A 394 -13.73 32.17 -12.40
C GLN A 394 -14.18 32.27 -13.87
N GLY A 395 -13.22 32.51 -14.76
CA GLY A 395 -13.50 32.59 -16.20
C GLY A 395 -13.96 31.28 -16.78
N PHE A 396 -13.35 30.19 -16.31
CA PHE A 396 -13.72 28.83 -16.69
C PHE A 396 -15.20 28.60 -16.38
N PHE A 397 -15.60 28.89 -15.14
CA PHE A 397 -17.00 28.75 -14.72
C PHE A 397 -17.97 29.61 -15.53
N GLU A 398 -17.56 30.84 -15.86
CA GLU A 398 -18.39 31.76 -16.64
C GLU A 398 -18.65 31.26 -18.06
N VAL A 399 -17.62 30.69 -18.69
CA VAL A 399 -17.79 30.06 -19.99
C VAL A 399 -18.85 28.96 -19.94
N HIS A 400 -18.77 28.08 -18.93
CA HIS A 400 -19.71 26.96 -18.83
C HIS A 400 -21.13 27.40 -18.45
N ARG A 401 -21.25 28.31 -17.49
CA ARG A 401 -22.55 28.90 -17.13
C ARG A 401 -23.23 29.55 -18.34
N ALA A 402 -22.44 30.23 -19.18
CA ALA A 402 -22.96 30.85 -20.40
C ALA A 402 -23.42 29.82 -21.43
N LEU A 403 -22.66 28.72 -21.57
CA LEU A 403 -22.97 27.70 -22.57
C LEU A 403 -23.93 26.64 -22.09
N GLY A 404 -24.21 26.61 -20.79
CA GLY A 404 -25.06 25.59 -20.20
C GLY A 404 -24.42 24.22 -20.12
N THR A 405 -23.08 24.21 -20.04
CA THR A 405 -22.30 22.96 -19.92
C THR A 405 -21.73 22.85 -18.50
N HIS A 406 -21.16 21.69 -18.18
CA HIS A 406 -20.72 21.39 -16.83
C HIS A 406 -19.27 21.78 -16.57
N PRO A 407 -19.04 22.67 -15.60
CA PRO A 407 -17.68 22.90 -15.17
C PRO A 407 -17.24 21.75 -14.26
N GLY A 408 -16.54 20.79 -14.85
CA GLY A 408 -16.42 19.46 -14.26
C GLY A 408 -15.39 19.24 -13.18
N GLY A 409 -14.46 20.17 -13.02
CA GLY A 409 -13.45 20.02 -11.96
C GLY A 409 -12.30 21.00 -12.04
N ILE A 410 -11.33 20.83 -11.14
CA ILE A 410 -10.08 21.58 -11.19
C ILE A 410 -8.86 20.65 -11.10
N HIS A 411 -7.74 21.15 -11.63
CA HIS A 411 -6.46 20.46 -11.58
C HIS A 411 -5.45 21.46 -11.05
N VAL A 412 -4.96 21.24 -9.82
CA VAL A 412 -4.06 22.21 -9.19
C VAL A 412 -2.80 21.59 -8.63
N GLU A 413 -1.77 22.42 -8.46
CA GLU A 413 -0.52 21.99 -7.85
C GLU A 413 -0.45 22.61 -6.46
N ILE A 414 -0.54 21.76 -5.45
CA ILE A 414 -0.66 22.20 -4.05
C ILE A 414 0.36 21.48 -3.17
N THR A 415 0.43 21.86 -1.91
CA THR A 415 1.14 21.07 -0.91
C THR A 415 0.61 21.38 0.49
N GLY A 416 0.68 20.37 1.36
CA GLY A 416 0.32 20.52 2.76
C GLY A 416 1.39 21.16 3.62
N GLU A 417 2.47 21.63 2.99
CA GLU A 417 3.55 22.37 3.65
C GLU A 417 3.24 23.86 3.55
N ASN A 418 3.72 24.64 4.53
CA ASN A 418 3.57 26.10 4.49
C ASN A 418 4.69 26.76 3.68
N VAL A 419 4.66 26.55 2.36
CA VAL A 419 5.71 27.06 1.48
C VAL A 419 5.48 28.52 1.10
N THR A 420 6.51 29.14 0.54
CA THR A 420 6.44 30.49 -0.03
C THR A 420 6.82 30.41 -1.52
N GLU A 421 5.85 30.08 -2.38
CA GLU A 421 6.13 29.78 -3.79
C GLU A 421 5.22 30.55 -4.75
N CYS A 422 3.93 30.61 -4.43
CA CYS A 422 2.96 31.44 -5.16
C CYS A 422 2.73 32.77 -4.42
N LEU A 423 2.67 33.87 -5.19
CA LEU A 423 2.46 35.20 -4.61
C LEU A 423 0.98 35.39 -4.33
N GLY A 424 0.69 36.10 -3.24
CA GLY A 424 -0.66 36.53 -2.93
C GLY A 424 -1.34 35.65 -1.92
N GLY A 425 -2.67 35.63 -1.97
CA GLY A 425 -3.48 34.95 -0.96
C GLY A 425 -3.64 35.88 0.22
N ALA A 426 -4.33 35.40 1.26
CA ALA A 426 -4.55 36.20 2.47
C ALA A 426 -3.24 36.50 3.21
N GLN A 427 -2.26 35.62 2.99
CA GLN A 427 -0.89 35.82 3.40
C GLN A 427 -0.33 37.03 2.66
N ASP A 428 -0.81 37.22 1.43
CA ASP A 428 -0.33 38.29 0.55
C ASP A 428 1.18 38.23 0.39
N ILE A 429 1.66 37.01 0.12
CA ILE A 429 3.09 36.76 0.01
C ILE A 429 3.70 37.60 -1.11
N SER A 430 4.88 38.11 -0.82
CA SER A 430 5.60 39.04 -1.70
C SER A 430 6.77 38.38 -2.42
N GLU A 431 7.37 39.13 -3.35
CA GLU A 431 8.56 38.69 -4.08
C GLU A 431 9.74 38.46 -3.12
N THR A 432 9.86 39.33 -2.13
CA THR A 432 10.83 39.17 -1.04
C THR A 432 10.61 37.86 -0.26
N ASP A 433 9.35 37.52 -0.01
CA ASP A 433 8.99 36.36 0.83
C ASP A 433 9.34 35.02 0.20
N LEU A 434 9.45 34.97 -1.13
CA LEU A 434 9.70 33.72 -1.86
C LEU A 434 10.98 32.98 -1.45
N ALA A 435 12.00 33.70 -1.00
CA ALA A 435 13.27 33.08 -0.61
C ALA A 435 13.20 32.37 0.75
N GLY A 436 12.12 32.56 1.49
CA GLY A 436 11.94 31.91 2.79
C GLY A 436 11.86 30.40 2.69
N ARG A 437 10.80 29.90 2.05
CA ARG A 437 10.60 28.45 1.89
C ARG A 437 10.13 28.11 0.47
N TYR A 438 11.06 28.20 -0.47
CA TYR A 438 10.81 27.84 -1.87
C TYR A 438 11.41 26.48 -2.13
N GLU A 439 10.58 25.45 -2.01
CA GLU A 439 11.07 24.07 -1.95
C GLU A 439 10.73 23.18 -3.14
N THR A 440 9.85 23.65 -4.03
CA THR A 440 9.45 22.88 -5.22
C THR A 440 10.63 22.54 -6.11
N ALA A 441 10.62 21.31 -6.66
CA ALA A 441 11.63 20.85 -7.61
C ALA A 441 11.30 21.24 -9.05
N CYS A 442 10.16 21.90 -9.24
CA CYS A 442 9.74 22.40 -10.55
C CYS A 442 8.80 23.60 -10.35
N ASP A 443 7.51 23.47 -10.63
CA ASP A 443 6.61 24.63 -10.60
C ASP A 443 6.20 25.03 -9.18
N PRO A 444 5.84 26.31 -8.99
CA PRO A 444 5.35 26.79 -7.70
C PRO A 444 3.96 26.25 -7.37
N ARG A 445 3.77 25.87 -6.10
CA ARG A 445 2.55 25.26 -5.64
C ARG A 445 1.81 26.20 -4.71
N LEU A 446 0.49 26.06 -4.64
CA LEU A 446 -0.27 26.73 -3.60
C LEU A 446 0.15 26.08 -2.31
N ASN A 447 0.43 26.88 -1.29
CA ASN A 447 0.76 26.30 0.00
C ASN A 447 -0.53 25.84 0.70
N THR A 448 -0.39 25.26 1.88
CA THR A 448 -1.53 24.68 2.58
C THR A 448 -2.68 25.71 2.76
N GLN A 449 -2.36 26.92 3.22
CA GLN A 449 -3.39 27.96 3.40
C GLN A 449 -4.02 28.45 2.11
N GLN A 450 -3.19 28.69 1.10
CA GLN A 450 -3.67 29.19 -0.18
C GLN A 450 -4.63 28.21 -0.85
N SER A 451 -4.23 26.95 -0.94
CA SER A 451 -5.07 25.90 -1.53
C SER A 451 -6.46 25.82 -0.88
N LEU A 452 -6.49 25.85 0.45
CA LEU A 452 -7.74 25.92 1.21
C LEU A 452 -8.54 27.17 0.86
N GLU A 453 -7.87 28.31 0.90
CA GLU A 453 -8.47 29.56 0.47
C GLU A 453 -9.09 29.44 -0.93
N LEU A 454 -8.37 28.82 -1.86
CA LEU A 454 -8.88 28.58 -3.22
C LEU A 454 -10.14 27.71 -3.23
N ALA A 455 -10.17 26.67 -2.40
CA ALA A 455 -11.33 25.78 -2.31
C ALA A 455 -12.58 26.53 -1.84
N PHE A 456 -12.41 27.34 -0.79
CA PHE A 456 -13.47 28.24 -0.33
C PHE A 456 -13.98 29.15 -1.46
N LEU A 457 -13.07 29.72 -2.25
CA LEU A 457 -13.48 30.59 -3.36
C LEU A 457 -14.15 29.82 -4.50
N VAL A 458 -13.66 28.63 -4.81
CA VAL A 458 -14.28 27.82 -5.88
C VAL A 458 -15.65 27.27 -5.43
N ALA A 459 -15.82 27.07 -4.13
CA ALA A 459 -17.10 26.66 -3.57
C ALA A 459 -18.17 27.76 -3.76
N GLU A 460 -17.78 29.01 -3.51
CA GLU A 460 -18.70 30.13 -3.72
C GLU A 460 -19.06 30.25 -5.19
N MET A 461 -18.12 29.91 -6.06
CA MET A 461 -18.39 29.90 -7.50
C MET A 461 -19.38 28.78 -7.86
N LEU A 462 -19.28 27.66 -7.15
CA LEU A 462 -20.25 26.55 -7.29
C LEU A 462 -21.63 26.88 -6.70
N ARG A 463 -21.71 27.83 -5.76
CA ARG A 463 -22.98 28.19 -5.10
C ARG A 463 -23.82 29.18 -5.93
N ASP A 464 -23.14 30.06 -6.66
CA ASP A 464 -23.77 30.91 -7.67
C ASP A 464 -24.15 30.09 -8.89
N MET B 3 20.76 -4.52 -13.24
CA MET B 3 22.00 -4.43 -12.42
C MET B 3 21.68 -3.90 -11.01
N ASN B 4 21.80 -2.59 -10.80
CA ASN B 4 21.61 -1.98 -9.47
C ASN B 4 20.82 -0.68 -9.55
N TRP B 5 20.03 -0.38 -8.52
CA TRP B 5 19.52 0.97 -8.31
C TRP B 5 20.17 1.52 -7.06
N THR B 6 20.22 2.85 -6.95
CA THR B 6 21.00 3.48 -5.91
C THR B 6 20.18 4.50 -5.13
N VAL B 7 20.32 4.47 -3.81
CA VAL B 7 19.59 5.35 -2.93
C VAL B 7 20.57 6.32 -2.27
N ASP B 8 20.14 7.57 -2.12
CA ASP B 8 20.93 8.58 -1.42
C ASP B 8 20.65 8.48 0.07
N ILE B 9 21.71 8.30 0.85
CA ILE B 9 21.59 8.36 2.30
C ILE B 9 21.29 9.83 2.56
N PRO B 10 20.46 10.12 3.54
CA PRO B 10 20.09 11.52 3.74
C PRO B 10 21.18 12.24 4.49
N ILE B 11 21.85 13.15 3.79
CA ILE B 11 22.84 14.01 4.41
C ILE B 11 22.07 14.86 5.39
N ASP B 12 20.88 15.28 4.96
CA ASP B 12 19.99 16.06 5.82
C ASP B 12 20.54 17.46 6.07
N LEU B 17 14.68 14.79 12.23
CA LEU B 17 13.44 14.24 12.79
C LEU B 17 13.40 14.45 14.31
N PRO B 18 12.39 15.19 14.82
CA PRO B 18 12.33 15.57 16.26
C PRO B 18 12.57 14.41 17.27
N PRO B 19 13.29 14.69 18.37
CA PRO B 19 13.90 13.61 19.15
C PRO B 19 12.95 12.83 20.07
N LEU B 20 13.24 11.56 20.29
CA LEU B 20 12.42 10.72 21.16
C LEU B 20 12.33 11.27 22.58
N PRO B 21 11.18 11.08 23.25
CA PRO B 21 11.12 11.33 24.69
C PRO B 21 12.25 10.60 25.41
N THR B 22 12.79 11.23 26.46
CA THR B 22 14.04 10.79 27.06
C THR B 22 13.98 9.35 27.55
N ASP B 23 12.88 8.98 28.19
CA ASP B 23 12.73 7.61 28.74
C ASP B 23 12.67 6.55 27.66
N LEU B 24 11.98 6.83 26.55
CA LEU B 24 11.88 5.88 25.45
C LEU B 24 13.25 5.67 24.84
N ARG B 25 14.01 6.76 24.67
CA ARG B 25 15.39 6.69 24.20
C ARG B 25 16.20 5.78 25.12
N THR B 26 16.14 6.08 26.42
CA THR B 26 16.82 5.28 27.44
C THR B 26 16.42 3.79 27.41
N ARG B 27 15.12 3.52 27.43
CA ARG B 27 14.63 2.14 27.37
C ARG B 27 15.00 1.44 26.06
N LEU B 28 14.99 2.16 24.95
CA LEU B 28 15.35 1.56 23.67
C LEU B 28 16.82 1.19 23.64
N ASP B 29 17.70 2.13 24.01
CA ASP B 29 19.14 1.87 24.09
C ASP B 29 19.43 0.68 25.01
N ALA B 30 18.77 0.66 26.17
CA ALA B 30 19.00 -0.42 27.14
C ALA B 30 18.58 -1.77 26.55
N ALA B 31 17.47 -1.80 25.82
CA ALA B 31 17.03 -3.06 25.21
C ALA B 31 18.07 -3.57 24.19
N LEU B 32 18.52 -2.68 23.30
CA LEU B 32 19.41 -3.08 22.22
C LEU B 32 20.85 -3.31 22.63
N ALA B 33 21.21 -2.87 23.84
CA ALA B 33 22.52 -3.11 24.42
C ALA B 33 22.66 -4.54 24.92
N LYS B 34 21.53 -5.20 25.20
CA LYS B 34 21.54 -6.59 25.68
C LYS B 34 21.93 -7.54 24.56
N PRO B 35 22.37 -8.77 24.91
CA PRO B 35 22.85 -9.64 23.84
C PRO B 35 21.73 -10.14 22.95
N ALA B 36 22.04 -10.24 21.66
CA ALA B 36 21.05 -10.61 20.67
C ALA B 36 21.58 -11.81 19.89
N ALA B 37 20.85 -12.92 19.92
CA ALA B 37 21.19 -14.10 19.14
C ALA B 37 20.78 -13.93 17.68
N GLN B 38 21.39 -14.73 16.81
CA GLN B 38 20.95 -14.89 15.42
C GLN B 38 21.01 -13.64 14.53
N GLN B 39 21.86 -12.69 14.88
CA GLN B 39 21.98 -11.46 14.10
C GLN B 39 22.96 -11.64 12.95
N PRO B 40 22.81 -10.84 11.86
CA PRO B 40 23.81 -10.81 10.79
C PRO B 40 25.14 -10.18 11.25
N THR B 41 26.22 -10.49 10.56
CA THR B 41 27.57 -10.14 10.99
C THR B 41 28.20 -9.04 10.12
N TRP B 42 27.38 -8.25 9.45
CA TRP B 42 27.85 -7.21 8.54
C TRP B 42 28.44 -6.00 9.27
N PRO B 43 29.20 -5.15 8.56
CA PRO B 43 29.86 -4.04 9.27
C PRO B 43 28.91 -2.92 9.72
N ALA B 44 29.21 -2.34 10.88
CA ALA B 44 28.34 -1.37 11.54
C ALA B 44 28.09 -0.09 10.74
N ASP B 45 29.14 0.46 10.11
CA ASP B 45 28.99 1.69 9.32
C ASP B 45 28.04 1.52 8.13
N GLN B 46 27.99 0.31 7.55
CA GLN B 46 27.06 0.02 6.46
C GLN B 46 25.64 -0.19 7.00
N ALA B 47 25.51 -0.89 8.12
CA ALA B 47 24.19 -1.08 8.77
C ALA B 47 23.58 0.27 9.14
N LEU B 48 24.43 1.15 9.70
CA LEU B 48 24.00 2.49 10.10
C LEU B 48 23.45 3.27 8.90
N ALA B 49 24.15 3.17 7.77
CA ALA B 49 23.73 3.84 6.54
C ALA B 49 22.39 3.32 6.05
N MET B 50 22.22 2.00 6.08
CA MET B 50 20.92 1.39 5.73
C MET B 50 19.83 1.80 6.71
N ARG B 51 20.14 1.77 8.01
CA ARG B 51 19.18 2.18 9.04
C ARG B 51 18.71 3.61 8.82
N THR B 52 19.62 4.48 8.37
CA THR B 52 19.30 5.90 8.17
C THR B 52 18.33 6.09 7.00
N VAL B 53 18.47 5.25 5.97
CA VAL B 53 17.53 5.26 4.84
C VAL B 53 16.15 4.79 5.31
N LEU B 54 16.11 3.69 6.07
CA LEU B 54 14.84 3.14 6.53
C LEU B 54 14.13 4.04 7.57
N GLU B 55 14.88 4.85 8.31
CA GLU B 55 14.24 5.82 9.22
C GLU B 55 13.40 6.87 8.47
N SER B 56 13.69 7.07 7.18
CA SER B 56 12.98 8.08 6.38
C SER B 56 11.86 7.55 5.45
N VAL B 57 11.68 6.25 5.35
CA VAL B 57 10.71 5.71 4.38
C VAL B 57 9.26 5.73 4.90
N PRO B 58 8.28 5.77 3.99
CA PRO B 58 6.89 5.61 4.41
C PRO B 58 6.70 4.27 5.12
N PRO B 59 6.05 4.28 6.30
CA PRO B 59 5.86 3.03 7.06
C PRO B 59 5.00 1.99 6.33
N VAL B 60 5.19 0.72 6.65
CA VAL B 60 4.40 -0.36 6.06
C VAL B 60 2.99 -0.38 6.68
N THR B 61 2.93 -0.15 7.99
CA THR B 61 1.66 0.00 8.69
C THR B 61 1.61 1.33 9.41
N VAL B 62 0.42 1.72 9.89
CA VAL B 62 0.28 2.93 10.72
C VAL B 62 -0.26 2.57 12.12
N PRO B 63 -0.05 3.45 13.12
CA PRO B 63 -0.43 3.17 14.51
C PRO B 63 -1.90 2.81 14.73
N SER B 64 -2.82 3.58 14.13
CA SER B 64 -4.25 3.34 14.32
C SER B 64 -4.67 1.95 13.86
N GLU B 65 -3.92 1.32 12.96
CA GLU B 65 -4.24 -0.04 12.52
C GLU B 65 -3.86 -1.04 13.60
N ILE B 66 -2.77 -0.74 14.30
CA ILE B 66 -2.24 -1.60 15.33
C ILE B 66 -3.10 -1.55 16.60
N VAL B 67 -3.57 -0.37 16.94
CA VAL B 67 -4.54 -0.19 18.04
C VAL B 67 -5.83 -0.96 17.71
N ARG B 68 -6.25 -0.88 16.46
CA ARG B 68 -7.40 -1.64 16.00
C ARG B 68 -7.19 -3.15 16.12
N LEU B 69 -6.03 -3.62 15.68
CA LEU B 69 -5.68 -5.04 15.83
C LEU B 69 -5.67 -5.46 17.31
N GLN B 70 -5.17 -4.58 18.18
CA GLN B 70 -5.11 -4.83 19.61
C GLN B 70 -6.50 -5.07 20.22
N GLU B 71 -7.48 -4.30 19.79
CA GLU B 71 -8.86 -4.46 20.24
C GLU B 71 -9.44 -5.79 19.74
N GLN B 72 -9.19 -6.13 18.47
CA GLN B 72 -9.73 -7.37 17.90
C GLN B 72 -9.10 -8.61 18.55
N LEU B 73 -7.80 -8.54 18.80
CA LEU B 73 -7.10 -9.60 19.55
C LEU B 73 -7.58 -9.73 21.00
N ALA B 74 -8.00 -8.61 21.61
CA ALA B 74 -8.57 -8.65 22.95
C ALA B 74 -9.82 -9.54 22.98
N GLN B 75 -10.65 -9.46 21.94
CA GLN B 75 -11.82 -10.34 21.84
C GLN B 75 -11.43 -11.82 21.76
N VAL B 76 -10.28 -12.11 21.15
CA VAL B 76 -9.82 -13.49 21.03
C VAL B 76 -9.40 -14.00 22.41
N ALA B 77 -8.64 -13.17 23.13
CA ALA B 77 -8.21 -13.51 24.46
C ALA B 77 -9.41 -13.78 25.37
N LYS B 78 -10.48 -13.02 25.21
CA LYS B 78 -11.66 -13.19 26.05
C LYS B 78 -12.55 -14.38 25.69
N GLY B 79 -12.26 -15.05 24.58
CA GLY B 79 -13.03 -16.23 24.17
C GLY B 79 -14.17 -15.92 23.22
N GLU B 80 -14.06 -14.80 22.51
CA GLU B 80 -15.15 -14.31 21.66
C GLU B 80 -14.74 -14.09 20.20
N ALA B 81 -13.54 -14.58 19.85
CA ALA B 81 -13.03 -14.54 18.49
C ALA B 81 -11.92 -15.58 18.36
N PHE B 82 -11.39 -15.74 17.15
CA PHE B 82 -10.39 -16.77 16.86
C PHE B 82 -9.33 -16.18 15.93
N LEU B 83 -8.08 -16.60 16.12
CA LEU B 83 -6.96 -16.03 15.34
C LEU B 83 -6.44 -17.04 14.32
N LEU B 84 -6.39 -16.59 13.07
CA LEU B 84 -5.82 -17.36 11.98
C LEU B 84 -4.56 -16.61 11.50
N GLN B 85 -3.41 -17.27 11.58
CA GLN B 85 -2.14 -16.68 11.19
C GLN B 85 -1.44 -17.62 10.24
N GLY B 86 -1.08 -17.13 9.06
CA GLY B 86 -0.49 -18.00 8.05
C GLY B 86 0.06 -17.33 6.80
N GLY B 87 0.91 -18.09 6.09
CA GLY B 87 1.66 -17.61 4.94
C GLY B 87 2.98 -18.38 4.74
N ASP B 88 3.87 -17.83 3.91
CA ASP B 88 5.14 -18.47 3.62
C ASP B 88 5.98 -18.66 4.89
N CYS B 89 6.72 -19.75 4.96
CA CYS B 89 7.74 -19.86 5.98
C CYS B 89 8.81 -18.77 5.79
N ALA B 90 9.19 -18.52 4.54
CA ALA B 90 10.14 -17.49 4.18
C ALA B 90 9.75 -16.87 2.83
N GLU B 91 9.47 -15.58 2.82
CA GLU B 91 9.20 -14.89 1.57
C GLU B 91 10.52 -14.72 0.83
N THR B 92 10.47 -14.75 -0.49
CA THR B 92 11.65 -14.48 -1.31
C THR B 92 11.34 -13.29 -2.18
N PHE B 93 12.37 -12.48 -2.44
CA PHE B 93 12.26 -11.35 -3.33
C PHE B 93 11.92 -11.82 -4.76
N MET B 94 12.39 -13.00 -5.13
CA MET B 94 12.14 -13.57 -6.46
C MET B 94 10.66 -13.90 -6.68
N ASP B 95 10.02 -14.44 -5.66
CA ASP B 95 8.61 -14.87 -5.74
C ASP B 95 7.62 -13.85 -5.18
N ASN B 96 8.09 -12.64 -4.85
CA ASN B 96 7.24 -11.55 -4.37
C ASN B 96 6.49 -10.93 -5.53
N THR B 97 5.54 -11.68 -6.08
CA THR B 97 4.87 -11.32 -7.33
C THR B 97 3.37 -11.30 -7.09
N GLU B 98 2.64 -10.73 -8.03
CA GLU B 98 1.20 -10.58 -7.89
C GLU B 98 0.48 -11.93 -7.80
N PRO B 99 0.84 -12.90 -8.66
CA PRO B 99 0.17 -14.20 -8.55
C PRO B 99 0.42 -14.92 -7.22
N HIS B 100 1.65 -14.85 -6.73
CA HIS B 100 2.00 -15.49 -5.47
C HIS B 100 1.36 -14.81 -4.26
N ILE B 101 1.34 -13.48 -4.25
CA ILE B 101 0.69 -12.74 -3.17
C ILE B 101 -0.82 -12.98 -3.18
N ARG B 102 -1.42 -12.91 -4.37
CA ARG B 102 -2.87 -13.11 -4.51
C ARG B 102 -3.30 -14.53 -4.09
N GLY B 103 -2.48 -15.52 -4.40
CA GLY B 103 -2.74 -16.90 -3.99
C GLY B 103 -2.78 -17.01 -2.48
N ASN B 104 -1.77 -16.47 -1.81
CA ASN B 104 -1.65 -16.59 -0.35
C ASN B 104 -2.74 -15.83 0.38
N VAL B 105 -3.07 -14.64 -0.13
CA VAL B 105 -4.23 -13.90 0.35
C VAL B 105 -5.51 -14.69 0.18
N ARG B 106 -5.68 -15.28 -0.99
CA ARG B 106 -6.87 -16.09 -1.26
C ARG B 106 -7.00 -17.29 -0.31
N ALA B 107 -5.92 -18.05 -0.13
CA ALA B 107 -5.96 -19.23 0.73
C ALA B 107 -6.33 -18.85 2.16
N LEU B 108 -5.82 -17.72 2.63
CA LEU B 108 -6.11 -17.24 3.96
C LEU B 108 -7.58 -16.81 4.09
N LEU B 109 -8.10 -16.09 3.09
CA LEU B 109 -9.50 -15.73 3.08
C LEU B 109 -10.41 -16.97 3.07
N GLN B 110 -10.04 -17.98 2.30
CA GLN B 110 -10.80 -19.24 2.23
C GLN B 110 -10.82 -19.98 3.55
N MET B 111 -9.64 -20.20 4.13
CA MET B 111 -9.57 -20.83 5.46
C MET B 111 -10.39 -20.03 6.47
N ALA B 112 -10.31 -18.70 6.40
CA ALA B 112 -10.97 -17.81 7.36
C ALA B 112 -12.50 -17.98 7.44
N VAL B 113 -13.15 -18.08 6.29
CA VAL B 113 -14.60 -18.16 6.22
C VAL B 113 -15.09 -19.51 6.75
N VAL B 114 -14.35 -20.57 6.42
CA VAL B 114 -14.60 -21.90 6.97
C VAL B 114 -14.48 -21.87 8.50
N LEU B 115 -13.43 -21.23 9.00
CA LEU B 115 -13.18 -21.16 10.43
C LEU B 115 -14.18 -20.28 11.14
N THR B 116 -14.57 -19.18 10.49
CA THR B 116 -15.60 -18.31 11.03
C THR B 116 -16.86 -19.15 11.28
N TYR B 117 -17.31 -19.87 10.25
CA TYR B 117 -18.50 -20.71 10.37
C TYR B 117 -18.39 -21.82 11.42
N GLY B 118 -17.23 -22.46 11.47
CA GLY B 118 -16.99 -23.52 12.47
C GLY B 118 -16.93 -22.98 13.89
N ALA B 119 -16.23 -21.86 14.07
CA ALA B 119 -16.10 -21.24 15.39
C ALA B 119 -17.37 -20.55 15.87
N SER B 120 -18.24 -20.14 14.94
CA SER B 120 -19.40 -19.29 15.25
C SER B 120 -18.98 -17.99 15.94
N MET B 121 -17.91 -17.38 15.44
CA MET B 121 -17.40 -16.13 16.01
C MET B 121 -16.40 -15.56 15.03
N PRO B 122 -16.08 -14.26 15.16
CA PRO B 122 -15.23 -13.61 14.15
C PRO B 122 -13.82 -14.19 14.12
N VAL B 123 -13.18 -14.12 12.95
CA VAL B 123 -11.80 -14.60 12.78
C VAL B 123 -10.88 -13.45 12.38
N VAL B 124 -9.86 -13.21 13.20
CA VAL B 124 -8.83 -12.22 12.90
C VAL B 124 -7.83 -12.86 11.95
N LYS B 125 -7.56 -12.15 10.85
CA LYS B 125 -6.76 -12.69 9.76
C LYS B 125 -5.41 -12.02 9.72
N VAL B 126 -4.38 -12.76 10.09
CA VAL B 126 -3.01 -12.23 10.14
C VAL B 126 -2.15 -13.05 9.20
N ALA B 127 -1.56 -12.39 8.20
CA ALA B 127 -0.70 -13.06 7.24
C ALA B 127 0.78 -12.99 7.66
N ARG B 128 1.53 -14.03 7.35
CA ARG B 128 2.97 -13.97 7.42
C ARG B 128 3.40 -13.44 6.07
N ILE B 129 3.59 -12.12 5.98
CA ILE B 129 3.77 -11.47 4.70
C ILE B 129 4.32 -10.06 4.87
N ALA B 130 4.81 -9.50 3.77
CA ALA B 130 5.31 -8.13 3.74
C ALA B 130 6.40 -7.91 4.78
N GLY B 131 7.33 -8.88 4.88
CA GLY B 131 8.42 -8.77 5.86
C GLY B 131 9.03 -10.05 6.40
N GLN B 132 8.45 -11.21 6.11
CA GLN B 132 8.94 -12.47 6.65
C GLN B 132 10.19 -12.92 5.87
N TYR B 133 11.27 -12.15 6.02
CA TYR B 133 12.45 -12.27 5.15
C TYR B 133 13.71 -12.73 5.89
N ALA B 134 13.56 -13.08 7.17
CA ALA B 134 14.71 -13.45 8.01
C ALA B 134 14.42 -14.74 8.75
N LYS B 135 15.38 -15.65 8.81
CA LYS B 135 15.19 -16.84 9.68
C LYS B 135 16.42 -17.16 10.53
N PRO B 136 16.18 -17.77 11.70
CA PRO B 136 17.30 -18.21 12.51
C PRO B 136 17.81 -19.55 11.99
N ARG B 137 19.04 -19.90 12.34
CA ARG B 137 19.57 -21.24 12.06
C ARG B 137 20.29 -21.80 13.30
N SER B 138 20.24 -23.12 13.47
CA SER B 138 21.00 -23.77 14.54
C SER B 138 22.49 -23.80 14.20
N ALA B 139 22.84 -24.14 12.95
CA ALA B 139 24.25 -24.18 12.53
C ALA B 139 24.57 -23.06 11.53
N ASP B 140 25.76 -22.46 11.65
CA ASP B 140 26.16 -21.43 10.70
C ASP B 140 26.77 -22.04 9.45
N ILE B 141 27.07 -23.33 9.51
CA ILE B 141 27.47 -24.09 8.33
C ILE B 141 26.38 -25.12 8.02
N ASP B 142 25.88 -25.12 6.79
CA ASP B 142 24.78 -26.02 6.40
C ASP B 142 25.33 -27.37 5.92
N ALA B 143 24.46 -28.25 5.42
CA ALA B 143 24.87 -29.61 5.03
C ALA B 143 25.76 -29.67 3.77
N LEU B 144 25.83 -28.56 3.04
CA LEU B 144 26.73 -28.45 1.88
C LEU B 144 28.06 -27.79 2.24
N GLY B 145 28.22 -27.41 3.50
CA GLY B 145 29.45 -26.76 3.95
C GLY B 145 29.52 -25.27 3.65
N LEU B 146 28.38 -24.69 3.28
CA LEU B 146 28.27 -23.26 3.04
C LEU B 146 27.75 -22.53 4.27
N ARG B 147 28.07 -21.25 4.37
CA ARG B 147 27.44 -20.37 5.35
C ARG B 147 25.92 -20.46 5.12
N SER B 148 25.18 -20.61 6.21
CA SER B 148 23.77 -20.91 6.14
C SER B 148 22.97 -19.76 5.56
N TYR B 149 21.93 -20.12 4.80
CA TYR B 149 20.95 -19.16 4.34
C TYR B 149 20.14 -18.69 5.54
N ARG B 150 19.97 -17.39 5.66
CA ARG B 150 19.23 -16.84 6.81
C ARG B 150 18.09 -15.95 6.37
N GLY B 151 17.61 -16.18 5.14
CA GLY B 151 16.49 -15.41 4.54
C GLY B 151 17.02 -14.25 3.72
N ASP B 152 16.23 -13.76 2.77
CA ASP B 152 16.68 -12.75 1.80
C ASP B 152 17.06 -11.37 2.36
N MET B 153 16.68 -11.10 3.61
CA MET B 153 17.14 -9.89 4.29
C MET B 153 18.66 -9.94 4.47
N ILE B 154 19.16 -11.12 4.84
CA ILE B 154 20.59 -11.27 5.12
C ILE B 154 21.44 -11.85 3.98
N ASN B 155 20.95 -12.89 3.33
CA ASN B 155 21.74 -13.63 2.34
C ASN B 155 20.92 -14.37 1.29
N GLY B 156 21.59 -14.79 0.21
CA GLY B 156 20.90 -15.43 -0.90
C GLY B 156 20.74 -16.92 -0.70
N PHE B 157 19.63 -17.43 -1.21
CA PHE B 157 19.27 -18.85 -1.14
C PHE B 157 20.22 -19.80 -1.87
N ALA B 158 20.75 -19.36 -3.01
CA ALA B 158 21.63 -20.19 -3.82
C ALA B 158 22.85 -20.66 -3.02
N PRO B 159 23.24 -21.90 -3.25
CA PRO B 159 24.38 -22.47 -2.53
C PRO B 159 25.72 -22.08 -3.14
N ASP B 160 26.07 -20.81 -3.02
CA ASP B 160 27.35 -20.32 -3.50
C ASP B 160 27.97 -19.46 -2.41
N ALA B 161 29.25 -19.67 -2.08
CA ALA B 161 29.84 -18.82 -1.05
C ALA B 161 29.53 -17.32 -1.21
N ALA B 162 29.68 -16.80 -2.42
CA ALA B 162 29.51 -15.37 -2.69
C ALA B 162 28.10 -14.91 -2.35
N ALA B 163 27.11 -15.68 -2.79
CA ALA B 163 25.70 -15.37 -2.50
C ALA B 163 25.37 -15.45 -1.00
N ARG B 164 26.10 -16.26 -0.25
CA ARG B 164 25.85 -16.43 1.20
C ARG B 164 26.45 -15.36 2.07
N GLU B 165 27.32 -14.51 1.52
CA GLU B 165 27.82 -13.39 2.29
C GLU B 165 26.67 -12.50 2.79
N HIS B 166 26.80 -12.00 4.01
CA HIS B 166 25.80 -11.16 4.61
C HIS B 166 25.87 -9.75 4.03
N ASP B 167 24.80 -9.32 3.37
CA ASP B 167 24.83 -8.07 2.62
C ASP B 167 23.79 -7.08 3.18
N PRO B 168 24.25 -5.99 3.81
CA PRO B 168 23.32 -5.07 4.45
C PRO B 168 22.40 -4.28 3.51
N SER B 169 22.74 -4.23 2.22
CA SER B 169 21.87 -3.57 1.25
C SER B 169 20.50 -4.29 1.18
N ARG B 170 20.47 -5.55 1.61
CA ARG B 170 19.24 -6.31 1.69
C ARG B 170 18.25 -5.82 2.74
N LEU B 171 18.69 -4.96 3.66
CA LEU B 171 17.75 -4.32 4.58
C LEU B 171 16.79 -3.42 3.81
N VAL B 172 17.32 -2.69 2.84
CA VAL B 172 16.49 -1.75 2.08
C VAL B 172 15.71 -2.45 0.99
N ARG B 173 16.32 -3.43 0.33
CA ARG B 173 15.60 -4.24 -0.63
C ARG B 173 14.42 -4.97 0.03
N ALA B 174 14.61 -5.45 1.25
CA ALA B 174 13.52 -6.07 2.03
C ALA B 174 12.38 -5.11 2.32
N TYR B 175 12.67 -3.88 2.71
CA TYR B 175 11.59 -2.88 2.88
C TYR B 175 10.88 -2.60 1.54
N ALA B 176 11.64 -2.47 0.46
CA ALA B 176 11.05 -2.18 -0.85
C ALA B 176 10.05 -3.27 -1.22
N ASN B 177 10.44 -4.52 -1.03
CA ASN B 177 9.55 -5.64 -1.32
C ASN B 177 8.35 -5.74 -0.38
N ALA B 178 8.57 -5.44 0.90
CA ALA B 178 7.54 -5.47 1.94
C ALA B 178 6.46 -4.43 1.68
N SER B 179 6.91 -3.22 1.38
CA SER B 179 6.02 -2.12 1.08
C SER B 179 5.22 -2.38 -0.19
N ALA B 180 5.87 -2.96 -1.20
CA ALA B 180 5.18 -3.23 -2.47
C ALA B 180 4.12 -4.34 -2.28
N ALA B 181 4.49 -5.35 -1.50
CA ALA B 181 3.57 -6.43 -1.19
C ALA B 181 2.36 -5.92 -0.41
N MET B 182 2.59 -5.06 0.59
CA MET B 182 1.50 -4.57 1.43
C MET B 182 0.55 -3.68 0.63
N ASN B 183 1.10 -2.86 -0.26
CA ASN B 183 0.24 -2.08 -1.13
C ASN B 183 -0.78 -2.99 -1.83
N LEU B 184 -0.32 -4.13 -2.31
CA LEU B 184 -1.15 -5.04 -3.09
C LEU B 184 -2.15 -5.73 -2.19
N VAL B 185 -1.70 -6.19 -1.03
CA VAL B 185 -2.61 -6.76 -0.05
C VAL B 185 -3.76 -5.80 0.27
N ARG B 186 -3.45 -4.52 0.49
CA ARG B 186 -4.48 -3.52 0.81
C ARG B 186 -5.40 -3.34 -0.38
N ALA B 187 -4.83 -3.31 -1.57
CA ALA B 187 -5.63 -3.15 -2.79
C ALA B 187 -6.61 -4.31 -2.98
N LEU B 188 -6.11 -5.53 -2.79
CA LEU B 188 -6.89 -6.74 -2.98
C LEU B 188 -8.04 -6.86 -1.97
N THR B 189 -7.73 -6.56 -0.71
CA THR B 189 -8.69 -6.69 0.39
C THR B 189 -9.85 -5.68 0.32
N SER B 190 -9.62 -4.52 -0.32
CA SER B 190 -10.68 -3.56 -0.63
C SER B 190 -11.40 -3.83 -1.94
N SER B 191 -10.86 -4.77 -2.69
CA SER B 191 -11.38 -5.20 -3.98
C SER B 191 -12.35 -6.34 -3.77
N GLY B 192 -12.84 -6.89 -4.86
CA GLY B 192 -13.76 -8.00 -4.80
C GLY B 192 -13.10 -9.20 -4.13
N LEU B 193 -11.80 -9.35 -4.22
CA LEU B 193 -11.20 -10.63 -3.90
C LEU B 193 -11.69 -11.03 -2.50
N ALA B 194 -11.92 -10.05 -1.65
CA ALA B 194 -12.35 -10.30 -0.27
C ALA B 194 -13.86 -10.48 -0.11
N SER B 195 -14.59 -10.49 -1.22
CA SER B 195 -16.04 -10.64 -1.19
C SER B 195 -16.41 -12.05 -0.72
N LEU B 196 -17.24 -12.15 0.31
CA LEU B 196 -17.62 -13.45 0.86
C LEU B 196 -18.11 -14.43 -0.20
N HIS B 197 -19.00 -13.99 -1.08
CA HIS B 197 -19.63 -14.91 -2.04
C HIS B 197 -18.61 -15.48 -3.03
N LEU B 198 -17.63 -14.65 -3.40
CA LEU B 198 -16.54 -15.08 -4.28
C LEU B 198 -15.70 -16.16 -3.60
N VAL B 199 -15.43 -15.95 -2.30
CA VAL B 199 -14.54 -16.83 -1.54
C VAL B 199 -15.15 -18.22 -1.35
N HIS B 200 -16.46 -18.30 -1.20
CA HIS B 200 -17.14 -19.58 -1.04
C HIS B 200 -17.12 -20.41 -2.32
N ASP B 201 -17.18 -19.75 -3.48
CA ASP B 201 -17.14 -20.44 -4.78
C ASP B 201 -15.81 -21.15 -5.05
N TRP B 202 -14.75 -20.70 -4.39
CA TRP B 202 -13.47 -21.40 -4.42
C TRP B 202 -13.55 -22.71 -3.63
N ASN B 203 -14.34 -22.72 -2.56
CA ASN B 203 -14.56 -23.94 -1.77
C ASN B 203 -15.30 -25.00 -2.57
N ARG B 204 -16.17 -24.56 -3.48
CA ARG B 204 -16.87 -25.48 -4.37
C ARG B 204 -15.90 -26.14 -5.35
N GLU B 205 -14.98 -25.37 -5.91
CA GLU B 205 -13.95 -25.92 -6.78
C GLU B 205 -13.15 -27.00 -6.05
N PHE B 206 -12.78 -26.69 -4.81
CA PHE B 206 -12.00 -27.60 -3.97
C PHE B 206 -12.74 -28.89 -3.68
N VAL B 207 -14.04 -28.77 -3.39
CA VAL B 207 -14.88 -29.92 -3.07
C VAL B 207 -15.04 -30.84 -4.29
N ARG B 208 -15.12 -30.26 -5.48
CA ARG B 208 -15.23 -31.05 -6.70
C ARG B 208 -13.91 -31.68 -7.14
N THR B 209 -12.79 -30.99 -6.91
CA THR B 209 -11.49 -31.47 -7.39
C THR B 209 -10.54 -31.98 -6.29
N SER B 210 -11.10 -32.39 -5.15
CA SER B 210 -10.33 -33.03 -4.10
C SER B 210 -10.63 -34.53 -4.15
N PRO B 211 -9.62 -35.37 -3.84
CA PRO B 211 -9.92 -36.80 -3.70
C PRO B 211 -10.81 -37.10 -2.49
N ALA B 212 -10.79 -36.24 -1.49
CA ALA B 212 -11.62 -36.40 -0.29
C ALA B 212 -12.76 -35.39 -0.26
N GLY B 213 -13.07 -34.78 -1.41
CA GLY B 213 -14.16 -33.79 -1.50
C GLY B 213 -15.47 -34.24 -0.89
N ALA B 214 -15.79 -35.52 -1.07
CA ALA B 214 -17.01 -36.11 -0.53
C ALA B 214 -17.06 -36.05 1.01
N ARG B 215 -15.90 -36.06 1.64
CA ARG B 215 -15.81 -35.98 3.11
C ARG B 215 -16.12 -34.56 3.62
N TYR B 216 -15.90 -33.56 2.79
CA TYR B 216 -16.04 -32.16 3.19
C TYR B 216 -17.24 -31.48 2.57
N GLU B 217 -18.08 -32.26 1.89
CA GLU B 217 -19.20 -31.71 1.12
C GLU B 217 -20.29 -31.22 2.06
N ALA B 218 -20.64 -32.04 3.05
CA ALA B 218 -21.68 -31.69 3.99
C ALA B 218 -21.40 -30.33 4.64
N LEU B 219 -20.19 -30.15 5.17
CA LEU B 219 -19.78 -28.88 5.78
C LEU B 219 -19.74 -27.73 4.76
N ALA B 220 -19.15 -27.97 3.58
CA ALA B 220 -19.18 -26.99 2.48
C ALA B 220 -20.58 -26.53 2.10
N THR B 221 -21.51 -27.48 2.01
CA THR B 221 -22.91 -27.19 1.65
C THR B 221 -23.59 -26.39 2.76
N GLU B 222 -23.27 -26.73 4.00
CA GLU B 222 -23.80 -26.04 5.16
C GLU B 222 -23.32 -24.58 5.21
N ILE B 223 -22.05 -24.37 4.89
CA ILE B 223 -21.47 -23.01 4.81
C ILE B 223 -22.13 -22.20 3.73
N ASP B 224 -22.29 -22.80 2.56
CA ASP B 224 -22.94 -22.15 1.42
C ASP B 224 -24.34 -21.70 1.79
N ARG B 225 -25.07 -22.54 2.53
CA ARG B 225 -26.42 -22.20 2.97
C ARG B 225 -26.44 -21.09 4.02
N GLY B 226 -25.40 -21.05 4.85
CA GLY B 226 -25.22 -19.96 5.79
C GLY B 226 -25.07 -18.64 5.08
N LEU B 227 -24.25 -18.61 4.03
CA LEU B 227 -24.06 -17.42 3.21
C LEU B 227 -25.33 -16.96 2.50
N ARG B 228 -26.06 -17.90 1.90
CA ARG B 228 -27.32 -17.56 1.19
C ARG B 228 -28.41 -17.05 2.14
N PHE B 229 -28.37 -17.52 3.39
CA PHE B 229 -29.25 -17.05 4.46
C PHE B 229 -29.06 -15.56 4.77
N MET B 230 -27.81 -15.15 4.94
CA MET B 230 -27.45 -13.74 5.08
C MET B 230 -28.04 -12.92 3.94
N SER B 231 -27.73 -13.35 2.71
CA SER B 231 -28.21 -12.66 1.53
C SER B 231 -29.73 -12.55 1.52
N ALA B 232 -30.41 -13.64 1.86
CA ALA B 232 -31.87 -13.65 1.91
C ALA B 232 -32.46 -12.78 3.04
N CYS B 233 -31.74 -12.62 4.14
CA CYS B 233 -32.16 -11.70 5.21
C CYS B 233 -31.89 -10.23 4.87
N GLY B 234 -31.41 -9.95 3.65
CA GLY B 234 -31.18 -8.59 3.19
C GLY B 234 -29.83 -8.01 3.63
N VAL B 235 -28.77 -8.81 3.61
CA VAL B 235 -27.40 -8.36 3.91
C VAL B 235 -26.50 -8.44 2.66
N ALA B 236 -26.07 -7.27 2.18
CA ALA B 236 -25.26 -7.18 0.97
C ALA B 236 -23.79 -6.95 1.30
N ASP B 237 -22.91 -7.22 0.33
CA ASP B 237 -21.46 -7.01 0.47
C ASP B 237 -21.13 -5.71 1.20
N ARG B 238 -21.69 -4.62 0.68
CA ARG B 238 -21.39 -3.27 1.14
C ARG B 238 -21.82 -3.02 2.59
N ASN B 239 -22.76 -3.83 3.09
CA ASN B 239 -23.14 -3.80 4.50
C ASN B 239 -22.00 -4.29 5.40
N LEU B 240 -21.26 -5.26 4.90
CA LEU B 240 -20.17 -5.88 5.64
C LEU B 240 -18.97 -4.95 5.78
N GLN B 241 -18.29 -5.04 6.91
CA GLN B 241 -17.04 -4.32 7.11
C GLN B 241 -16.00 -4.89 6.15
N THR B 242 -15.16 -4.02 5.60
CA THR B 242 -14.17 -4.47 4.63
C THR B 242 -13.23 -5.48 5.25
N ALA B 243 -12.86 -6.50 4.49
CA ALA B 243 -11.99 -7.55 4.99
C ALA B 243 -10.65 -6.95 5.38
N GLU B 244 -10.09 -7.41 6.50
CA GLU B 244 -8.87 -6.84 7.01
C GLU B 244 -7.89 -7.97 7.12
N ILE B 245 -6.73 -7.82 6.50
CA ILE B 245 -5.65 -8.77 6.66
C ILE B 245 -4.44 -8.01 7.22
N TYR B 246 -4.00 -8.39 8.42
CA TYR B 246 -2.84 -7.75 9.03
C TYR B 246 -1.55 -8.44 8.58
N ALA B 247 -0.45 -7.68 8.62
CA ALA B 247 0.88 -8.17 8.28
C ALA B 247 1.63 -8.52 9.54
N SER B 248 2.32 -9.65 9.51
CA SER B 248 3.19 -10.05 10.59
C SER B 248 4.44 -10.72 10.05
N HIS B 249 5.47 -10.74 10.89
CA HIS B 249 6.67 -11.56 10.69
C HIS B 249 7.41 -11.73 12.02
N GLU B 250 8.38 -12.63 12.04
CA GLU B 250 9.23 -12.76 13.19
C GLU B 250 10.14 -11.53 13.27
N ALA B 251 10.13 -10.85 14.42
CA ALA B 251 11.07 -9.75 14.66
C ALA B 251 12.41 -10.37 15.00
N LEU B 252 13.29 -10.50 14.01
CA LEU B 252 14.55 -11.22 14.17
C LEU B 252 15.75 -10.30 14.00
N VAL B 253 15.82 -9.62 12.85
CA VAL B 253 16.93 -8.70 12.55
C VAL B 253 16.66 -7.33 13.17
N LEU B 254 17.39 -7.02 14.24
CA LEU B 254 17.13 -5.84 15.05
C LEU B 254 17.55 -4.53 14.38
N ASP B 255 18.49 -4.59 13.45
CA ASP B 255 18.81 -3.44 12.60
C ASP B 255 17.59 -3.00 11.78
N TYR B 256 16.77 -3.97 11.37
CA TYR B 256 15.58 -3.68 10.57
C TYR B 256 14.48 -3.09 11.45
N GLU B 257 14.10 -3.83 12.48
CA GLU B 257 12.99 -3.44 13.35
C GLU B 257 13.19 -2.06 14.02
N ARG B 258 14.41 -1.78 14.47
CA ARG B 258 14.69 -0.49 15.12
C ARG B 258 14.62 0.71 14.19
N ALA B 259 15.07 0.54 12.94
CA ALA B 259 14.94 1.59 11.92
C ALA B 259 13.50 1.81 11.47
N MET B 260 12.65 0.81 11.64
CA MET B 260 11.23 0.93 11.27
C MET B 260 10.36 1.42 12.44
N LEU B 261 10.98 1.86 13.53
CA LEU B 261 10.24 2.41 14.67
C LEU B 261 9.76 3.83 14.40
N ARG B 262 8.55 4.16 14.82
CA ARG B 262 8.08 5.53 14.78
C ARG B 262 7.34 5.87 16.07
N LEU B 263 7.33 7.15 16.39
CA LEU B 263 6.71 7.64 17.60
C LEU B 263 5.29 8.12 17.30
N SER B 264 4.33 7.75 18.14
CA SER B 264 2.93 8.10 17.91
C SER B 264 2.61 9.55 18.29
N ASP B 265 1.40 9.98 17.92
CA ASP B 265 0.88 11.28 18.34
C ASP B 265 0.26 11.22 19.74
N GLY B 266 -0.21 12.36 20.24
CA GLY B 266 -0.89 12.44 21.53
C GLY B 266 -2.40 12.58 21.43
N ASP B 267 -2.97 12.28 20.26
CA ASP B 267 -4.43 12.28 20.08
C ASP B 267 -5.10 11.19 20.93
N ASP B 268 -4.35 10.13 21.25
CA ASP B 268 -4.82 9.04 22.12
C ASP B 268 -3.74 8.61 23.13
N GLY B 269 -3.61 9.36 24.21
CA GLY B 269 -2.71 9.02 25.32
C GLY B 269 -1.30 9.56 25.16
N GLU B 270 -0.34 8.92 25.84
CA GLU B 270 1.06 9.32 25.78
C GLU B 270 1.76 8.81 24.50
N PRO B 271 2.78 9.54 24.04
CA PRO B 271 3.59 9.01 22.93
C PRO B 271 4.14 7.61 23.24
N GLN B 272 4.15 6.76 22.21
CA GLN B 272 4.69 5.40 22.32
C GLN B 272 5.42 5.02 21.05
N LEU B 273 6.28 4.01 21.16
CA LEU B 273 6.97 3.47 20.01
C LEU B 273 6.16 2.33 19.41
N PHE B 274 5.89 2.46 18.11
CA PHE B 274 5.29 1.41 17.33
C PHE B 274 6.35 0.93 16.34
N ASP B 275 6.46 -0.39 16.19
CA ASP B 275 7.21 -0.95 15.10
C ASP B 275 6.27 -0.96 13.90
N LEU B 276 6.55 -0.11 12.91
CA LEU B 276 5.69 -0.02 11.74
C LEU B 276 6.19 -0.79 10.53
N SER B 277 6.97 -1.84 10.76
CA SER B 277 7.32 -2.81 9.72
C SER B 277 6.24 -3.86 9.56
N ALA B 278 5.28 -3.87 10.49
CA ALA B 278 4.24 -4.86 10.54
C ALA B 278 3.15 -4.35 11.44
N HIS B 279 2.08 -5.13 11.58
CA HIS B 279 1.04 -4.86 12.58
C HIS B 279 1.35 -5.62 13.87
N THR B 280 1.74 -6.88 13.75
CA THR B 280 2.15 -7.67 14.89
C THR B 280 3.38 -8.47 14.51
N VAL B 281 4.25 -8.69 15.50
CA VAL B 281 5.44 -9.49 15.32
C VAL B 281 5.53 -10.50 16.44
N TRP B 282 6.35 -11.54 16.23
CA TRP B 282 6.58 -12.55 17.25
C TRP B 282 8.07 -12.80 17.45
N ILE B 283 8.38 -13.34 18.62
CA ILE B 283 9.74 -13.69 18.98
C ILE B 283 9.87 -15.21 18.99
N GLY B 284 10.89 -15.70 18.30
CA GLY B 284 11.03 -17.12 18.02
C GLY B 284 11.70 -17.91 19.13
N GLU B 285 11.68 -19.21 18.94
CA GLU B 285 12.22 -20.16 19.91
C GLU B 285 13.70 -19.95 20.20
N ARG B 286 14.48 -19.60 19.18
CA ARG B 286 15.92 -19.42 19.35
C ARG B 286 16.35 -18.03 19.80
N THR B 287 15.43 -17.06 19.75
CA THR B 287 15.71 -15.67 20.09
C THR B 287 14.97 -15.19 21.34
N ARG B 288 14.47 -16.14 22.13
CA ARG B 288 13.52 -15.85 23.19
C ARG B 288 14.11 -15.71 24.60
N GLN B 289 15.43 -15.55 24.69
CA GLN B 289 16.09 -15.48 25.99
C GLN B 289 15.50 -14.34 26.81
N ILE B 290 15.29 -14.60 28.10
CA ILE B 290 14.48 -13.75 28.97
C ILE B 290 15.12 -12.37 29.20
N ASP B 291 16.45 -12.30 29.24
CA ASP B 291 17.18 -11.03 29.37
C ASP B 291 17.88 -10.60 28.06
N GLY B 292 17.41 -11.12 26.92
CA GLY B 292 18.02 -10.84 25.61
C GLY B 292 17.42 -9.63 24.95
N ALA B 293 17.95 -9.24 23.79
CA ALA B 293 17.52 -7.99 23.12
C ALA B 293 16.12 -8.08 22.53
N HIS B 294 15.75 -9.24 22.03
CA HIS B 294 14.44 -9.42 21.41
C HIS B 294 13.29 -9.24 22.40
N ILE B 295 13.39 -9.86 23.58
CA ILE B 295 12.34 -9.73 24.59
C ILE B 295 12.25 -8.28 25.05
N ALA B 296 13.40 -7.66 25.31
CA ALA B 296 13.46 -6.27 25.76
C ALA B 296 12.92 -5.30 24.70
N PHE B 297 13.24 -5.55 23.44
CA PHE B 297 12.67 -4.76 22.34
C PHE B 297 11.15 -4.89 22.37
N ALA B 298 10.65 -6.11 22.53
CA ALA B 298 9.20 -6.34 22.65
C ALA B 298 8.55 -5.56 23.80
N GLN B 299 9.30 -5.31 24.88
CA GLN B 299 8.77 -4.54 26.01
C GLN B 299 8.57 -3.07 25.70
N VAL B 300 9.37 -2.56 24.79
CA VAL B 300 9.32 -1.15 24.45
C VAL B 300 8.29 -0.83 23.34
N ILE B 301 7.92 -1.80 22.52
CA ILE B 301 6.98 -1.50 21.43
C ILE B 301 5.52 -1.69 21.82
N ALA B 302 4.65 -0.92 21.19
CA ALA B 302 3.23 -0.95 21.50
C ALA B 302 2.50 -2.06 20.74
N ASN B 303 3.13 -2.63 19.71
CA ASN B 303 2.50 -3.66 18.89
C ASN B 303 2.10 -4.85 19.75
N PRO B 304 1.00 -5.53 19.40
CA PRO B 304 0.77 -6.83 19.96
C PRO B 304 1.92 -7.76 19.55
N VAL B 305 2.32 -8.65 20.45
CA VAL B 305 3.42 -9.54 20.20
C VAL B 305 3.04 -11.00 20.49
N GLY B 306 3.88 -11.91 20.00
CA GLY B 306 3.77 -13.33 20.29
C GLY B 306 5.11 -13.89 20.70
N VAL B 307 5.10 -14.98 21.47
CA VAL B 307 6.31 -15.70 21.84
C VAL B 307 6.12 -17.18 21.55
N LYS B 308 7.08 -17.80 20.87
CA LYS B 308 6.99 -19.23 20.55
C LYS B 308 7.45 -20.06 21.73
N LEU B 309 6.68 -21.11 22.04
CA LEU B 309 6.92 -21.97 23.19
C LEU B 309 7.06 -23.42 22.75
N GLY B 310 8.27 -23.97 22.87
CA GLY B 310 8.56 -25.36 22.52
C GLY B 310 8.57 -26.29 23.73
N PRO B 311 8.97 -27.58 23.52
CA PRO B 311 8.83 -28.64 24.54
C PRO B 311 9.65 -28.49 25.82
N ASN B 312 10.63 -27.60 25.81
CA ASN B 312 11.46 -27.35 26.98
C ASN B 312 10.88 -26.27 27.87
N MET B 313 9.76 -25.71 27.45
CA MET B 313 9.11 -24.64 28.21
C MET B 313 8.56 -25.09 29.55
N THR B 314 8.74 -24.25 30.57
CA THR B 314 8.25 -24.52 31.91
C THR B 314 7.04 -23.65 32.21
N PRO B 315 6.16 -24.11 33.12
CA PRO B 315 5.10 -23.21 33.53
C PRO B 315 5.65 -21.89 34.10
N GLU B 316 6.77 -21.95 34.82
CA GLU B 316 7.36 -20.80 35.49
C GLU B 316 7.94 -19.78 34.49
N LEU B 317 8.67 -20.27 33.49
CA LEU B 317 9.20 -19.36 32.48
C LEU B 317 8.07 -18.66 31.72
N ALA B 318 6.94 -19.36 31.54
CA ALA B 318 5.80 -18.83 30.83
C ALA B 318 5.19 -17.66 31.59
N VAL B 319 4.98 -17.84 32.90
CA VAL B 319 4.53 -16.74 33.76
C VAL B 319 5.46 -15.52 33.62
N GLU B 320 6.77 -15.74 33.74
CA GLU B 320 7.74 -14.65 33.56
C GLU B 320 7.55 -13.90 32.23
N TYR B 321 7.34 -14.61 31.13
CA TYR B 321 7.07 -13.95 29.82
C TYR B 321 5.80 -13.10 29.87
N VAL B 322 4.74 -13.62 30.49
CA VAL B 322 3.48 -12.89 30.59
C VAL B 322 3.64 -11.62 31.41
N GLU B 323 4.39 -11.72 32.51
CA GLU B 323 4.56 -10.61 33.41
C GLU B 323 5.47 -9.54 32.84
N ARG B 324 6.46 -9.93 32.05
CA ARG B 324 7.35 -8.99 31.37
C ARG B 324 6.69 -8.31 30.20
N LEU B 325 5.91 -9.08 29.43
CA LEU B 325 5.33 -8.63 28.17
C LEU B 325 3.89 -8.16 28.27
N ASP B 326 3.20 -8.53 29.34
CA ASP B 326 1.86 -7.99 29.60
C ASP B 326 1.79 -7.38 31.00
N PRO B 327 2.66 -6.39 31.31
CA PRO B 327 2.77 -5.83 32.65
C PRO B 327 1.53 -5.07 33.11
N HIS B 328 0.75 -4.54 32.16
CA HIS B 328 -0.45 -3.76 32.46
C HIS B 328 -1.73 -4.57 32.34
N ASN B 329 -1.60 -5.87 32.05
CA ASN B 329 -2.76 -6.77 31.99
C ASN B 329 -3.75 -6.34 30.89
N LYS B 330 -3.22 -6.16 29.68
CA LYS B 330 -4.02 -5.81 28.48
C LYS B 330 -4.36 -7.08 27.71
N PRO B 331 -5.62 -7.54 27.78
CA PRO B 331 -5.96 -8.76 27.06
C PRO B 331 -5.58 -8.71 25.57
N GLY B 332 -4.95 -9.76 25.10
CA GLY B 332 -4.59 -9.86 23.68
C GLY B 332 -3.33 -9.13 23.26
N ARG B 333 -2.63 -8.49 24.20
CA ARG B 333 -1.36 -7.83 23.92
C ARG B 333 -0.29 -8.90 23.71
N LEU B 334 -0.45 -10.03 24.39
CA LEU B 334 0.48 -11.14 24.28
C LEU B 334 -0.19 -12.43 23.78
N THR B 335 0.49 -13.10 22.86
CA THR B 335 0.05 -14.39 22.36
C THR B 335 1.13 -15.39 22.68
N LEU B 336 0.74 -16.51 23.30
CA LEU B 336 1.67 -17.60 23.58
C LEU B 336 1.45 -18.69 22.54
N VAL B 337 2.50 -18.96 21.75
CA VAL B 337 2.40 -19.81 20.58
C VAL B 337 3.00 -21.19 20.84
N SER B 338 2.13 -22.16 21.13
CA SER B 338 2.51 -23.52 21.47
C SER B 338 2.94 -24.33 20.24
N ARG B 339 4.15 -24.87 20.30
CA ARG B 339 4.75 -25.67 19.22
C ARG B 339 5.49 -26.85 19.84
N MET B 340 4.77 -27.92 20.14
CA MET B 340 5.30 -28.99 21.01
C MET B 340 5.62 -30.31 20.30
N GLY B 341 4.91 -30.59 19.21
CA GLY B 341 4.91 -31.91 18.59
C GLY B 341 3.64 -32.64 19.00
N ASN B 342 3.01 -33.35 18.07
CA ASN B 342 1.70 -33.97 18.35
C ASN B 342 1.76 -35.03 19.44
N HIS B 343 2.93 -35.64 19.56
CA HIS B 343 3.21 -36.66 20.58
C HIS B 343 3.40 -36.08 22.00
N LYS B 344 3.70 -34.79 22.11
CA LYS B 344 4.00 -34.16 23.42
C LYS B 344 3.01 -33.10 23.91
N VAL B 345 2.18 -32.56 23.03
CA VAL B 345 1.35 -31.39 23.38
C VAL B 345 0.32 -31.68 24.47
N ARG B 346 -0.23 -32.89 24.46
CA ARG B 346 -1.22 -33.30 25.46
C ARG B 346 -0.63 -33.34 26.87
N ASP B 347 0.63 -33.72 26.97
CA ASP B 347 1.29 -33.83 28.27
C ASP B 347 1.98 -32.54 28.72
N LEU B 348 2.53 -31.78 27.78
CA LEU B 348 3.37 -30.64 28.11
C LEU B 348 2.63 -29.29 28.23
N LEU B 349 1.50 -29.15 27.55
CA LEU B 349 0.79 -27.86 27.56
C LEU B 349 -0.11 -27.59 28.79
N PRO B 350 -0.87 -28.59 29.27
CA PRO B 350 -1.78 -28.32 30.41
C PRO B 350 -1.13 -27.57 31.59
N PRO B 351 0.00 -28.06 32.13
CA PRO B 351 0.53 -27.36 33.32
C PRO B 351 0.92 -25.90 33.03
N ILE B 352 1.38 -25.62 31.82
CA ILE B 352 1.72 -24.24 31.40
C ILE B 352 0.47 -23.38 31.37
N VAL B 353 -0.61 -23.91 30.82
CA VAL B 353 -1.88 -23.18 30.74
C VAL B 353 -2.42 -22.89 32.15
N GLU B 354 -2.35 -23.87 33.03
CA GLU B 354 -2.85 -23.70 34.40
C GLU B 354 -2.16 -22.56 35.14
N LYS B 355 -0.83 -22.55 35.15
CA LYS B 355 -0.07 -21.46 35.81
C LYS B 355 -0.39 -20.08 35.23
N VAL B 356 -0.42 -19.97 33.91
CA VAL B 356 -0.66 -18.71 33.23
C VAL B 356 -2.06 -18.18 33.50
N GLN B 357 -3.05 -19.07 33.46
CA GLN B 357 -4.40 -18.67 33.83
C GLN B 357 -4.47 -18.14 35.26
N ALA B 358 -3.69 -18.73 36.16
CA ALA B 358 -3.74 -18.34 37.58
C ALA B 358 -3.20 -16.92 37.85
N THR B 359 -2.41 -16.38 36.93
CA THR B 359 -1.83 -15.04 37.11
C THR B 359 -2.87 -13.92 37.00
N GLY B 360 -4.03 -14.21 36.43
CA GLY B 360 -5.05 -13.20 36.18
C GLY B 360 -4.96 -12.50 34.83
N HIS B 361 -3.87 -12.74 34.09
CA HIS B 361 -3.69 -12.16 32.75
C HIS B 361 -4.49 -12.95 31.70
N GLN B 362 -4.88 -12.27 30.62
CA GLN B 362 -5.61 -12.91 29.53
C GLN B 362 -4.75 -12.91 28.25
N VAL B 363 -4.06 -14.03 28.03
CA VAL B 363 -3.26 -14.23 26.84
C VAL B 363 -4.08 -15.00 25.82
N ILE B 364 -3.65 -14.94 24.57
CA ILE B 364 -4.20 -15.78 23.50
C ILE B 364 -3.35 -17.04 23.39
N TRP B 365 -4.01 -18.20 23.54
CA TRP B 365 -3.33 -19.47 23.32
C TRP B 365 -3.45 -19.82 21.83
N GLN B 366 -2.32 -19.90 21.15
CA GLN B 366 -2.30 -20.18 19.72
C GLN B 366 -1.48 -21.42 19.43
N CYS B 367 -2.02 -22.32 18.61
CA CYS B 367 -1.31 -23.55 18.23
C CYS B 367 -0.51 -23.33 16.95
N ASP B 368 0.77 -23.67 17.01
CA ASP B 368 1.60 -23.81 15.83
C ASP B 368 1.84 -25.31 15.67
N PRO B 369 1.10 -25.97 14.75
CA PRO B 369 1.25 -27.41 14.62
C PRO B 369 2.33 -27.83 13.62
N MET B 370 3.11 -26.87 13.13
CA MET B 370 4.05 -27.13 12.06
C MET B 370 5.44 -27.41 12.62
N HIS B 371 5.94 -26.47 13.40
CA HIS B 371 7.36 -26.41 13.73
C HIS B 371 7.82 -27.43 14.76
N GLY B 372 6.88 -28.17 15.32
CA GLY B 372 7.22 -29.26 16.23
C GLY B 372 7.19 -30.62 15.56
N ASN B 373 6.82 -30.66 14.27
CA ASN B 373 6.56 -31.91 13.58
C ASN B 373 7.36 -32.11 12.26
N THR B 374 8.55 -31.52 12.16
CA THR B 374 9.41 -31.70 10.98
C THR B 374 10.26 -32.96 11.10
N HIS B 375 10.40 -33.70 10.00
CA HIS B 375 11.42 -34.77 9.88
C HIS B 375 12.04 -34.76 8.48
N GLU B 376 13.12 -35.52 8.28
CA GLU B 376 13.77 -35.62 6.97
C GLU B 376 13.30 -36.90 6.30
N SER B 377 12.85 -36.80 5.05
CA SER B 377 12.42 -37.96 4.28
C SER B 377 13.62 -38.78 3.81
N SER B 378 13.35 -40.01 3.34
CA SER B 378 14.40 -40.87 2.79
C SER B 378 14.87 -40.38 1.41
N THR B 379 14.07 -39.53 0.77
CA THR B 379 14.41 -38.95 -0.54
C THR B 379 15.32 -37.71 -0.44
N GLY B 380 15.39 -37.09 0.74
CA GLY B 380 16.35 -36.00 1.00
C GLY B 380 15.76 -34.64 1.35
N PHE B 381 14.45 -34.50 1.21
CA PHE B 381 13.76 -33.23 1.49
C PHE B 381 13.24 -33.24 2.93
N LYS B 382 13.44 -32.14 3.66
CA LYS B 382 12.84 -32.01 4.99
C LYS B 382 11.32 -31.80 4.85
N THR B 383 10.57 -32.43 5.74
CA THR B 383 9.13 -32.57 5.54
C THR B 383 8.33 -32.75 6.81
N ARG B 384 7.02 -32.61 6.68
CA ARG B 384 6.09 -32.77 7.78
C ARG B 384 4.94 -33.63 7.27
N HIS B 385 4.38 -34.47 8.14
CA HIS B 385 3.23 -35.27 7.73
C HIS B 385 1.95 -34.58 8.17
N PHE B 386 1.00 -34.51 7.24
CA PHE B 386 -0.29 -33.88 7.43
C PHE B 386 -1.04 -34.39 8.67
N ASP B 387 -1.05 -35.70 8.86
CA ASP B 387 -1.67 -36.34 10.03
C ASP B 387 -1.07 -35.91 11.37
N ARG B 388 0.22 -35.59 11.38
CA ARG B 388 0.88 -35.12 12.60
C ARG B 388 0.49 -33.68 12.88
N ILE B 389 0.37 -32.89 11.81
CA ILE B 389 -0.04 -31.50 11.92
C ILE B 389 -1.46 -31.42 12.50
N VAL B 390 -2.38 -32.19 11.91
CA VAL B 390 -3.77 -32.23 12.37
C VAL B 390 -3.82 -32.66 13.84
N ASP B 391 -3.01 -33.65 14.19
CA ASP B 391 -3.07 -34.25 15.52
C ASP B 391 -2.61 -33.32 16.64
N GLU B 392 -1.68 -32.42 16.36
CA GLU B 392 -1.27 -31.46 17.40
C GLU B 392 -2.39 -30.48 17.68
N VAL B 393 -3.05 -30.01 16.63
CA VAL B 393 -4.19 -29.11 16.79
C VAL B 393 -5.29 -29.83 17.57
N GLN B 394 -5.54 -31.10 17.23
CA GLN B 394 -6.49 -31.93 17.95
C GLN B 394 -6.15 -32.02 19.44
N GLY B 395 -4.87 -32.30 19.74
CA GLY B 395 -4.42 -32.38 21.13
C GLY B 395 -4.52 -31.04 21.84
N PHE B 396 -4.14 -29.99 21.13
CA PHE B 396 -4.29 -28.59 21.60
C PHE B 396 -5.74 -28.31 21.99
N PHE B 397 -6.69 -28.66 21.12
CA PHE B 397 -8.12 -28.49 21.46
C PHE B 397 -8.55 -29.28 22.70
N GLU B 398 -8.12 -30.53 22.81
CA GLU B 398 -8.44 -31.37 23.98
C GLU B 398 -7.94 -30.77 25.30
N VAL B 399 -6.69 -30.26 25.29
CA VAL B 399 -6.12 -29.64 26.49
C VAL B 399 -7.02 -28.51 26.97
N HIS B 400 -7.39 -27.61 26.07
CA HIS B 400 -8.29 -26.48 26.40
C HIS B 400 -9.71 -26.90 26.76
N ARG B 401 -10.28 -27.89 26.09
CA ARG B 401 -11.62 -28.37 26.48
C ARG B 401 -11.55 -28.90 27.92
N ALA B 402 -10.55 -29.71 28.21
CA ALA B 402 -10.39 -30.34 29.54
C ALA B 402 -10.21 -29.31 30.65
N LEU B 403 -9.46 -28.24 30.35
CA LEU B 403 -9.20 -27.17 31.31
C LEU B 403 -10.27 -26.09 31.32
N GLY B 404 -11.06 -26.01 30.25
CA GLY B 404 -12.12 -25.02 30.16
C GLY B 404 -11.60 -23.67 29.70
N THR B 405 -10.47 -23.67 29.01
CA THR B 405 -9.85 -22.44 28.51
C THR B 405 -10.10 -22.28 27.01
N HIS B 406 -9.73 -21.13 26.45
CA HIS B 406 -10.04 -20.81 25.05
C HIS B 406 -8.89 -21.24 24.10
N PRO B 407 -9.16 -22.23 23.23
CA PRO B 407 -8.18 -22.53 22.19
C PRO B 407 -8.27 -21.42 21.15
N GLY B 408 -7.34 -20.47 21.22
CA GLY B 408 -7.51 -19.14 20.64
C GLY B 408 -7.20 -18.98 19.17
N GLY B 409 -6.42 -19.90 18.62
CA GLY B 409 -6.03 -19.76 17.23
C GLY B 409 -5.02 -20.76 16.73
N ILE B 410 -4.67 -20.62 15.45
CA ILE B 410 -3.62 -21.42 14.83
C ILE B 410 -2.61 -20.54 14.08
N HIS B 411 -1.39 -21.05 13.99
CA HIS B 411 -0.29 -20.40 13.29
C HIS B 411 0.33 -21.45 12.34
N VAL B 412 0.10 -21.29 11.04
CA VAL B 412 0.49 -22.29 10.06
C VAL B 412 1.25 -21.71 8.89
N GLU B 413 2.08 -22.53 8.27
CA GLU B 413 2.80 -22.15 7.07
C GLU B 413 2.11 -22.77 5.87
N ILE B 414 1.56 -21.91 5.01
CA ILE B 414 0.74 -22.33 3.87
C ILE B 414 1.16 -21.60 2.59
N THR B 415 0.71 -22.13 1.45
CA THR B 415 0.79 -21.37 0.19
C THR B 415 -0.40 -21.64 -0.73
N GLY B 416 -0.78 -20.62 -1.49
CA GLY B 416 -1.83 -20.73 -2.51
C GLY B 416 -1.42 -21.45 -3.80
N GLU B 417 -0.21 -21.97 -3.88
CA GLU B 417 0.20 -22.83 -4.99
C GLU B 417 0.09 -24.29 -4.58
N ASN B 418 -0.14 -25.16 -5.56
CA ASN B 418 -0.15 -26.59 -5.28
C ASN B 418 1.29 -27.13 -5.37
N VAL B 419 2.02 -26.92 -4.28
CA VAL B 419 3.37 -27.44 -4.11
C VAL B 419 3.29 -28.88 -3.63
N THR B 420 4.45 -29.53 -3.55
CA THR B 420 4.57 -30.88 -3.01
C THR B 420 5.63 -30.86 -1.92
N GLU B 421 5.26 -30.33 -0.75
CA GLU B 421 6.21 -30.11 0.34
C GLU B 421 5.91 -30.92 1.60
N CYS B 422 4.65 -30.93 2.05
CA CYS B 422 4.22 -31.74 3.20
C CYS B 422 3.59 -33.04 2.71
N LEU B 423 3.87 -34.14 3.41
CA LEU B 423 3.33 -35.45 3.05
C LEU B 423 1.86 -35.60 3.47
N GLY B 424 1.11 -36.36 2.69
CA GLY B 424 -0.26 -36.73 3.07
C GLY B 424 -1.32 -35.77 2.55
N GLY B 425 -2.42 -35.71 3.30
CA GLY B 425 -3.64 -35.05 2.84
C GLY B 425 -4.41 -35.99 1.93
N ALA B 426 -5.54 -35.51 1.42
CA ALA B 426 -6.34 -36.29 0.47
C ALA B 426 -5.59 -36.58 -0.83
N GLN B 427 -4.60 -35.74 -1.14
CA GLN B 427 -3.72 -35.98 -2.29
C GLN B 427 -2.78 -37.15 -2.06
N ASP B 428 -2.63 -37.53 -0.78
CA ASP B 428 -1.68 -38.56 -0.32
C ASP B 428 -0.33 -38.42 -1.00
N ILE B 429 0.27 -37.23 -0.84
CA ILE B 429 1.62 -36.95 -1.33
C ILE B 429 2.65 -37.88 -0.66
N SER B 430 3.38 -38.62 -1.50
CA SER B 430 4.44 -39.53 -1.03
C SER B 430 5.81 -38.85 -1.02
N GLU B 431 6.82 -39.58 -0.55
CA GLU B 431 8.19 -39.10 -0.51
C GLU B 431 8.74 -38.90 -1.93
N THR B 432 8.31 -39.77 -2.84
CA THR B 432 8.65 -39.66 -4.25
C THR B 432 8.09 -38.37 -4.86
N ASP B 433 6.87 -38.01 -4.47
CA ASP B 433 6.17 -36.83 -5.00
C ASP B 433 6.83 -35.50 -4.63
N LEU B 434 7.59 -35.48 -3.55
CA LEU B 434 8.17 -34.24 -3.03
C LEU B 434 9.04 -33.49 -4.05
N ALA B 435 9.75 -34.23 -4.90
CA ALA B 435 10.66 -33.63 -5.88
C ALA B 435 9.95 -32.94 -7.05
N GLY B 436 8.63 -33.07 -7.15
CA GLY B 436 7.87 -32.46 -8.23
C GLY B 436 7.85 -30.95 -8.16
N ARG B 437 7.37 -30.41 -7.05
CA ARG B 437 7.27 -28.97 -6.85
C ARG B 437 7.57 -28.62 -5.41
N TYR B 438 8.83 -28.86 -5.03
CA TYR B 438 9.36 -28.43 -3.74
C TYR B 438 10.02 -27.09 -3.99
N GLU B 439 9.34 -26.01 -3.59
CA GLU B 439 9.73 -24.65 -3.97
C GLU B 439 10.04 -23.73 -2.78
N THR B 440 9.72 -24.17 -1.57
CA THR B 440 9.98 -23.37 -0.38
C THR B 440 11.47 -23.06 -0.21
N ALA B 441 11.75 -21.85 0.27
CA ALA B 441 13.11 -21.41 0.57
C ALA B 441 13.54 -21.82 1.99
N CYS B 442 12.63 -22.41 2.76
CA CYS B 442 12.99 -22.97 4.07
C CYS B 442 12.06 -24.16 4.41
N ASP B 443 11.12 -24.00 5.34
CA ASP B 443 10.29 -25.10 5.81
C ASP B 443 9.19 -25.47 4.81
N PRO B 444 8.74 -26.73 4.82
CA PRO B 444 7.67 -27.20 3.94
C PRO B 444 6.32 -26.66 4.35
N ARG B 445 5.60 -26.08 3.39
CA ARG B 445 4.32 -25.45 3.63
C ARG B 445 3.21 -26.40 3.21
N LEU B 446 2.07 -26.32 3.90
CA LEU B 446 0.84 -26.93 3.41
C LEU B 446 0.48 -26.28 2.08
N ASN B 447 0.17 -27.08 1.06
CA ASN B 447 -0.23 -26.50 -0.23
C ASN B 447 -1.67 -25.95 -0.19
N THR B 448 -2.19 -25.55 -1.34
CA THR B 448 -3.47 -24.88 -1.37
C THR B 448 -4.61 -25.84 -0.94
N GLN B 449 -4.61 -27.07 -1.46
CA GLN B 449 -5.58 -28.09 -1.02
C GLN B 449 -5.44 -28.49 0.45
N GLN B 450 -4.21 -28.68 0.92
CA GLN B 450 -3.96 -29.18 2.28
C GLN B 450 -4.35 -28.16 3.36
N SER B 451 -4.05 -26.90 3.10
CA SER B 451 -4.38 -25.84 4.05
C SER B 451 -5.90 -25.77 4.17
N LEU B 452 -6.57 -25.88 3.03
CA LEU B 452 -8.02 -25.86 2.98
C LEU B 452 -8.58 -27.06 3.73
N GLU B 453 -7.94 -28.21 3.55
CA GLU B 453 -8.37 -29.44 4.20
C GLU B 453 -8.24 -29.26 5.71
N LEU B 454 -7.15 -28.61 6.13
CA LEU B 454 -6.91 -28.34 7.54
C LEU B 454 -7.95 -27.40 8.14
N ALA B 455 -8.40 -26.41 7.38
CA ALA B 455 -9.42 -25.46 7.88
C ALA B 455 -10.73 -26.19 8.19
N PHE B 456 -11.17 -27.03 7.26
CA PHE B 456 -12.32 -27.91 7.47
C PHE B 456 -12.20 -28.80 8.72
N LEU B 457 -11.04 -29.44 8.90
CA LEU B 457 -10.84 -30.35 10.04
C LEU B 457 -10.82 -29.60 11.36
N VAL B 458 -10.22 -28.41 11.35
CA VAL B 458 -10.19 -27.58 12.54
C VAL B 458 -11.58 -26.99 12.82
N ALA B 459 -12.37 -26.78 11.77
CA ALA B 459 -13.75 -26.30 11.97
C ALA B 459 -14.57 -27.34 12.70
N GLU B 460 -14.37 -28.63 12.40
CA GLU B 460 -15.11 -29.71 13.08
C GLU B 460 -14.70 -29.80 14.55
N MET B 461 -13.39 -29.67 14.81
CA MET B 461 -12.88 -29.54 16.18
C MET B 461 -13.53 -28.37 16.92
N LEU B 462 -13.74 -27.24 16.23
CA LEU B 462 -14.47 -26.10 16.82
C LEU B 462 -15.96 -26.40 17.08
N ARG B 463 -16.56 -27.25 16.24
CA ARG B 463 -17.98 -27.58 16.41
C ARG B 463 -18.24 -28.53 17.60
N ASP B 464 -17.39 -29.54 17.78
CA ASP B 464 -17.48 -30.45 18.95
C ASP B 464 -17.17 -29.74 20.26
S SO4 C . 1.47 21.02 -19.12
O1 SO4 C . 1.94 20.27 -17.93
O2 SO4 C . 0.06 21.44 -18.95
O3 SO4 C . 1.59 20.13 -20.28
O4 SO4 C . 2.27 22.24 -19.30
MN MN D . 3.79 21.75 -12.99
CL CL E . 16.49 27.17 -16.12
C1 GOL F . -15.48 9.04 -4.29
O1 GOL F . -16.21 8.17 -3.41
C2 GOL F . -16.40 9.84 -5.21
O2 GOL F . -16.68 11.11 -4.61
C3 GOL F . -17.73 9.14 -5.44
O3 GOL F . -18.13 9.32 -6.81
CL CL G . -8.91 -6.51 -9.64
CL CL H . 12.12 16.29 -27.76
N DPN I . 13.21 8.12 0.07
CA DPN I . 13.45 6.92 -0.79
C DPN I . 14.57 7.22 -1.74
O DPN I . 15.45 8.02 -1.33
OXT DPN I . 14.59 6.69 -2.85
CB DPN I . 13.80 5.71 0.07
CG DPN I . 13.09 4.47 -0.42
CD1 DPN I . 11.71 4.48 -0.70
CD2 DPN I . 13.81 3.29 -0.57
CE1 DPN I . 11.09 3.33 -1.15
CE2 DPN I . 13.17 2.13 -1.03
CZ DPN I . 11.81 2.15 -1.32
S SO4 J . 18.08 3.83 17.10
O1 SO4 J . 18.34 3.56 18.53
O2 SO4 J . 17.01 4.83 16.94
O3 SO4 J . 19.32 4.40 16.53
O4 SO4 J . 17.70 2.59 16.38
S SO4 K . 10.14 -21.33 15.81
O1 SO4 K . 9.02 -21.32 16.77
O2 SO4 K . 11.15 -20.34 16.21
O3 SO4 K . 10.75 -22.66 15.77
O4 SO4 K . 9.58 -21.04 14.47
S SO4 L . 16.80 10.50 19.40
O1 SO4 L . 16.62 9.93 20.76
O2 SO4 L . 16.06 11.77 19.33
O3 SO4 L . 18.21 10.79 19.07
O4 SO4 L . 16.25 9.53 18.42
S SO4 M . 18.71 -25.16 11.19
O1 SO4 M . 20.11 -24.68 11.03
O2 SO4 M . 18.23 -24.76 12.54
O3 SO4 M . 18.69 -26.64 11.03
O4 SO4 M . 17.82 -24.57 10.18
MN MN N . 9.03 -21.97 9.26
CL CL O . -2.33 6.65 12.62
C1 GOL P . -12.47 -7.94 11.04
O1 GOL P . -11.91 -8.14 9.73
C2 GOL P . -12.09 -9.09 11.97
O2 GOL P . -10.67 -9.00 12.23
C3 GOL P . -12.91 -9.00 13.25
O3 GOL P . -12.13 -9.26 14.43
CL CL Q . 24.62 -15.79 17.91
N DPN R . 11.29 -9.07 -6.83
CA DPN R . 11.76 -7.72 -6.42
C DPN R . 13.25 -7.73 -6.30
O DPN R . 13.78 -7.06 -5.43
OXT DPN R . 13.95 -8.42 -7.07
CB DPN R . 11.37 -6.62 -7.39
CG DPN R . 11.27 -5.27 -6.67
CD1 DPN R . 12.13 -4.24 -7.01
CD2 DPN R . 10.31 -5.05 -5.69
CE1 DPN R . 12.04 -3.00 -6.37
CE2 DPN R . 10.22 -3.82 -5.03
CZ DPN R . 11.10 -2.79 -5.38
#